data_6K1I
#
_entry.id   6K1I
#
_cell.length_a   102.850
_cell.length_b   109.420
_cell.length_c   181.470
_cell.angle_alpha   90.000
_cell.angle_beta   90.000
_cell.angle_gamma   90.000
#
_symmetry.space_group_name_H-M   'P 21 21 21'
#
loop_
_entity.id
_entity.type
_entity.pdbx_description
1 polymer 'Histone H3.1'
2 polymer 'Histone H4'
3 polymer 'Histone H2AX'
4 polymer 'Histone H2B type 1-J'
5 polymer 'DNA (147-MER)'
6 polymer 'DNA (147-MER)'
7 non-polymer 'CHLORIDE ION'
8 non-polymer 'MANGANESE (II) ION'
9 non-polymer 'POTASSIUM ION'
10 water water
#
loop_
_entity_poly.entity_id
_entity_poly.type
_entity_poly.pdbx_seq_one_letter_code
_entity_poly.pdbx_strand_id
1 'polypeptide(L)'
;GSHMARTKQTARKSTGGKAPRKQLATKAARKSAPATGGVKKPHRYRPGTVALREIRRYQKSTELLIRKLPFQRLVREIAQ
DFKTDLRFQSSAVMALQEACEAYLVGLFEDTNLCAIHAKRVTIMPKDIQLARRIRGERA
;
A,E
2 'polypeptide(L)'
;GSHMSGRGKGGKGLGKGGAKRHRKVLRDNIQGITKPAIRRLARRGGVKRISGLIYEETRGVLKVFLENVIRDAVTYTEHA
KRKTVTAMDVVYALKRQGRTLYGFGG
;
B,F
3 'polypeptide(L)'
;GSHMSGRGKTGGKARAKAKSRSSRAGLQFPVGRVHRLLRKGHYAERVGAGAPVYLAAVLEYLTAEILELAGNAARDNKKT
RIIPRHLQLAIRNDEELNKLLGGVTIAQGGVLPNIQAVLLPKKTSATVGPKAPSGGKKATQASQEY
;
C,G
4 'polypeptide(L)'
;GSHMPEPAKSAPAPKKGSKKAVTKAQKKDGKKRKRSRKESYSIYVYKVLKQVHPDTGISSKAMGIMNSFVNDIFERIAGE
ASRLAHYNKRSTITSREIQTAVRLLLPGELAKHAVSEGTKAVTKYTSAK
;
D,H
5 'polydeoxyribonucleotide'
;(DC)(DA)(DT)(DA)(DT)(DA)(DT)(DC)(DC)(DC)(DG)(DG)(DT)(DG)(DC)(DC)(DG)(DA)(DG)(DG)
(DC)(DC)(DG)(DC)(DT)(DC)(DA)(DA)(DT)(DT)(DG)(DG)(DT)(DC)(DG)(DT)(DA)(DG)(DA)(DC)
(DA)(DG)(DC)(DT)(DC)(DT)(DA)(DG)(DC)(DA)(DC)(DC)(DG)(DC)(DT)(DT)(DA)(DA)(DA)(DC)
(DG)(DC)(DA)(DC)(DG)(DT)(DA)(DC)(DG)(DC)(DG)(DC)(DT)(DG)(DT)(DC)(DT)(DA)(DC)(DC)
(DG)(DC)(DG)(DT)(DT)(DT)(DT)(DA)(DA)(DC)(DC)(DG)(DC)(DC)(DA)(DC)(DT)(DA)(DG)(DA)
(DA)(DG)(DC)(DG)(DC)(DT)(DT)(DA)(DC)(DT)(DA)(DG)(DT)(DC)(DT)(DC)(DC)(DA)(DG)(DG)
(DC)(DA)(DC)(DG)(DT)(DG)(DT)(DG)(DA)(DG)(DA)(DC)(DC)(DG)(DG)(DC)(DA)(DT)(DA)(DT)
(DA)(DT)(DG)(DG)(DT)(DA)(DC)
;
I
6 'polydeoxyribonucleotide'
;(DC)(DA)(DT)(DA)(DT)(DA)(DT)(DG)(DC)(DC)(DG)(DG)(DT)(DC)(DT)(DC)(DA)(DC)(DA)(DC)
(DG)(DT)(DG)(DC)(DC)(DT)(DG)(DG)(DA)(DG)(DA)(DC)(DT)(DA)(DG)(DT)(DA)(DA)(DG)(DC)
(DG)(DC)(DT)(DT)(DC)(DT)(DA)(DG)(DT)(DG)(DG)(DC)(DG)(DG)(DT)(DT)(DA)(DA)(DA)(DA)
(DC)(DG)(DC)(DG)(DG)(DT)(DA)(DG)(DA)(DC)(DA)(DG)(DC)(DG)(DC)(DG)(DT)(DA)(DC)(DG)
(DT)(DG)(DC)(DG)(DT)(DT)(DT)(DA)(DA)(DG)(DC)(DG)(DG)(DT)(DG)(DC)(DT)(DA)(DG)(DA)
(DG)(DC)(DT)(DG)(DT)(DC)(DT)(DA)(DC)(DG)(DA)(DC)(DC)(DA)(DA)(DT)(DT)(DG)(DA)(DG)
(DC)(DG)(DG)(DC)(DC)(DT)(DC)(DG)(DG)(DC)(DA)(DC)(DC)(DG)(DG)(DG)(DA)(DT)(DA)(DT)
(DA)(DT)(DG)(DG)(DT)(DA)(DC)
;
J
#
loop_
_chem_comp.id
_chem_comp.type
_chem_comp.name
_chem_comp.formula
CL non-polymer 'CHLORIDE ION' 'Cl -1'
DA DNA linking 2'-DEOXYADENOSINE-5'-MONOPHOSPHATE 'C10 H14 N5 O6 P'
DC DNA linking 2'-DEOXYCYTIDINE-5'-MONOPHOSPHATE 'C9 H14 N3 O7 P'
DG DNA linking 2'-DEOXYGUANOSINE-5'-MONOPHOSPHATE 'C10 H14 N5 O7 P'
DT DNA linking THYMIDINE-5'-MONOPHOSPHATE 'C10 H15 N2 O8 P'
K non-polymer 'POTASSIUM ION' 'K 1'
MN non-polymer 'MANGANESE (II) ION' 'Mn 2'
#
# COMPACT_ATOMS: atom_id res chain seq x y z
N PRO A 42 11.21 9.07 54.17
CA PRO A 42 10.03 9.01 53.27
C PRO A 42 10.14 7.86 52.26
N HIS A 43 9.18 7.74 51.33
CA HIS A 43 9.12 6.67 50.30
C HIS A 43 9.26 7.26 48.90
N ARG A 44 10.03 6.58 48.03
CA ARG A 44 10.30 6.98 46.64
C ARG A 44 10.58 5.71 45.81
N TYR A 45 9.86 5.54 44.69
CA TYR A 45 10.14 4.50 43.66
C TYR A 45 11.33 4.95 42.82
N ARG A 46 12.26 4.03 42.54
CA ARG A 46 13.48 4.32 41.75
C ARG A 46 13.06 4.72 40.35
N PRO A 47 13.73 5.72 39.72
CA PRO A 47 13.30 6.20 38.40
C PRO A 47 13.44 5.12 37.33
N GLY A 48 12.34 4.83 36.64
CA GLY A 48 12.18 3.71 35.68
C GLY A 48 11.01 2.82 36.06
N THR A 49 10.71 2.71 37.36
CA THR A 49 9.80 1.68 37.94
C THR A 49 8.34 2.03 37.64
N VAL A 50 7.95 3.30 37.89
CA VAL A 50 6.55 3.80 37.65
C VAL A 50 6.31 3.77 36.14
N ALA A 51 7.30 4.24 35.37
CA ALA A 51 7.30 4.25 33.89
C ALA A 51 6.95 2.85 33.35
N LEU A 52 7.58 1.79 33.90
CA LEU A 52 7.29 0.38 33.52
C LEU A 52 5.85 0.00 33.93
N ARG A 53 5.43 0.37 35.14
CA ARG A 53 4.03 0.16 35.62
C ARG A 53 3.04 0.77 34.63
N GLU A 54 3.31 2.01 34.17
CA GLU A 54 2.49 2.77 33.17
C GLU A 54 2.47 2.02 31.83
N ILE A 55 3.61 1.50 31.39
CA ILE A 55 3.68 0.65 30.16
C ILE A 55 2.75 -0.55 30.34
N ARG A 56 2.90 -1.28 31.45
CA ARG A 56 2.05 -2.45 31.78
C ARG A 56 0.58 -1.99 31.79
N ARG A 57 0.30 -0.93 32.54
CA ARG A 57 -1.06 -0.38 32.73
C ARG A 57 -1.72 -0.11 31.38
N TYR A 58 -1.14 0.76 30.56
CA TYR A 58 -1.77 1.33 29.33
C TYR A 58 -1.78 0.29 28.21
N GLN A 59 -0.87 -0.69 28.22
CA GLN A 59 -0.89 -1.82 27.25
C GLN A 59 -2.04 -2.76 27.59
N LYS A 60 -2.40 -2.84 28.87
CA LYS A 60 -3.55 -3.65 29.38
C LYS A 60 -4.86 -3.08 28.83
N SER A 61 -5.03 -1.77 28.95
CA SER A 61 -6.28 -1.02 28.61
C SER A 61 -6.38 -0.71 27.11
N THR A 62 -7.55 -0.27 26.68
CA THR A 62 -7.88 0.15 25.29
C THR A 62 -8.55 1.53 25.27
N GLU A 63 -8.65 2.22 26.41
CA GLU A 63 -9.35 3.53 26.52
C GLU A 63 -8.50 4.58 25.78
N LEU A 64 -9.12 5.62 25.21
CA LEU A 64 -8.40 6.71 24.51
C LEU A 64 -7.60 7.53 25.52
N LEU A 65 -6.39 7.96 25.13
CA LEU A 65 -5.34 8.47 26.05
C LEU A 65 -5.16 9.98 25.90
N ILE A 66 -5.72 10.58 24.84
CA ILE A 66 -5.87 12.06 24.68
C ILE A 66 -7.26 12.46 25.19
N ARG A 67 -7.39 13.59 25.88
CA ARG A 67 -8.69 14.11 26.36
C ARG A 67 -9.50 14.51 25.11
N LYS A 68 -10.79 14.18 25.10
CA LYS A 68 -11.68 14.19 23.89
C LYS A 68 -11.87 15.62 23.35
N LEU A 69 -12.10 16.59 24.23
CA LEU A 69 -12.49 17.97 23.85
C LEU A 69 -11.29 18.74 23.29
N PRO A 70 -10.09 18.70 23.93
CA PRO A 70 -8.89 19.29 23.33
C PRO A 70 -8.64 18.76 21.92
N PHE A 71 -8.89 17.46 21.71
CA PHE A 71 -8.76 16.78 20.40
C PHE A 71 -9.81 17.36 19.45
N GLN A 72 -11.07 17.34 19.87
CA GLN A 72 -12.23 17.77 19.04
C GLN A 72 -12.02 19.19 18.55
N ARG A 73 -11.41 20.06 19.37
CA ARG A 73 -11.11 21.47 19.03
C ARG A 73 -10.02 21.51 17.96
N LEU A 74 -8.98 20.67 18.09
CA LEU A 74 -7.86 20.58 17.11
C LEU A 74 -8.39 20.10 15.75
N VAL A 75 -9.35 19.18 15.74
CA VAL A 75 -9.90 18.58 14.49
C VAL A 75 -10.63 19.69 13.73
N ARG A 76 -11.46 20.45 14.43
CA ARG A 76 -12.23 21.59 13.89
C ARG A 76 -11.25 22.65 13.39
N GLU A 77 -10.23 22.97 14.19
CA GLU A 77 -9.17 23.96 13.87
C GLU A 77 -8.52 23.62 12.53
N ILE A 78 -8.09 22.37 12.33
CA ILE A 78 -7.38 21.88 11.12
C ILE A 78 -8.36 21.83 9.95
N ALA A 79 -9.62 21.45 10.22
CA ALA A 79 -10.68 21.31 9.20
C ALA A 79 -11.03 22.68 8.62
N GLN A 80 -11.07 23.72 9.46
CA GLN A 80 -11.40 25.12 9.06
C GLN A 80 -10.51 25.55 7.90
N ASP A 81 -9.23 25.16 7.93
CA ASP A 81 -8.20 25.55 6.92
C ASP A 81 -8.45 24.86 5.57
N PHE A 82 -9.51 24.04 5.42
CA PHE A 82 -9.84 23.29 4.17
C PHE A 82 -11.26 23.57 3.70
N LYS A 83 -12.22 23.61 4.63
CA LYS A 83 -13.62 24.03 4.35
C LYS A 83 -14.20 24.66 5.62
N THR A 84 -14.90 25.79 5.44
CA THR A 84 -15.46 26.63 6.53
C THR A 84 -16.88 26.16 6.83
N ASP A 85 -17.44 26.63 7.96
CA ASP A 85 -18.85 26.37 8.38
C ASP A 85 -19.11 24.86 8.34
N LEU A 86 -18.21 24.09 8.98
CA LEU A 86 -18.21 22.60 8.94
C LEU A 86 -18.73 22.03 10.26
N ARG A 87 -19.48 20.95 10.15
CA ARG A 87 -20.19 20.26 11.25
C ARG A 87 -19.65 18.83 11.30
N PHE A 88 -19.49 18.26 12.48
CA PHE A 88 -18.91 16.90 12.68
C PHE A 88 -19.90 15.99 13.40
N GLN A 89 -20.31 14.90 12.75
CA GLN A 89 -20.86 13.71 13.46
C GLN A 89 -19.94 13.42 14.65
N SER A 90 -20.49 13.16 15.83
CA SER A 90 -19.70 12.80 17.04
C SER A 90 -18.81 11.59 16.73
N SER A 91 -19.36 10.62 15.96
CA SER A 91 -18.69 9.37 15.55
C SER A 91 -17.44 9.67 14.69
N ALA A 92 -17.52 10.66 13.80
CA ALA A 92 -16.40 11.06 12.91
C ALA A 92 -15.22 11.55 13.75
N VAL A 93 -15.47 12.32 14.81
CA VAL A 93 -14.39 12.83 15.71
C VAL A 93 -13.75 11.65 16.43
N MET A 94 -14.56 10.69 16.90
CA MET A 94 -14.07 9.44 17.56
C MET A 94 -13.15 8.70 16.59
N ALA A 95 -13.63 8.38 15.38
CA ALA A 95 -12.89 7.68 14.30
C ALA A 95 -11.50 8.32 14.10
N LEU A 96 -11.46 9.64 13.87
CA LEU A 96 -10.20 10.41 13.73
C LEU A 96 -9.30 10.16 14.95
N GLN A 97 -9.87 10.22 16.16
CA GLN A 97 -9.08 10.11 17.41
C GLN A 97 -8.57 8.68 17.58
N GLU A 98 -9.39 7.67 17.23
CA GLU A 98 -9.00 6.23 17.27
C GLU A 98 -7.82 6.02 16.33
N ALA A 99 -7.93 6.51 15.10
CA ALA A 99 -6.93 6.35 14.02
C ALA A 99 -5.64 7.14 14.33
N CYS A 100 -5.76 8.26 15.03
CA CYS A 100 -4.62 9.12 15.44
C CYS A 100 -3.82 8.42 16.54
N GLU A 101 -4.49 7.99 17.59
CA GLU A 101 -3.85 7.35 18.78
C GLU A 101 -3.18 6.05 18.31
N ALA A 102 -3.89 5.23 17.54
CA ALA A 102 -3.37 4.00 16.91
C ALA A 102 -2.04 4.32 16.20
N TYR A 103 -2.09 5.25 15.24
CA TYR A 103 -0.94 5.68 14.40
C TYR A 103 0.25 6.08 15.27
N LEU A 104 0.02 6.92 16.28
CA LEU A 104 1.08 7.46 17.18
C LEU A 104 1.64 6.35 18.05
N VAL A 105 0.77 5.50 18.60
CA VAL A 105 1.19 4.35 19.46
C VAL A 105 2.06 3.43 18.61
N GLY A 106 1.64 3.15 17.38
CA GLY A 106 2.49 2.43 16.41
C GLY A 106 3.86 3.09 16.31
N LEU A 107 3.87 4.39 16.01
CA LEU A 107 5.10 5.17 15.70
C LEU A 107 6.06 5.13 16.90
N PHE A 108 5.53 5.20 18.13
CA PHE A 108 6.33 5.14 19.37
C PHE A 108 6.97 3.74 19.46
N GLU A 109 6.24 2.67 19.13
CA GLU A 109 6.82 1.30 19.04
C GLU A 109 8.12 1.37 18.21
N ASP A 110 8.01 1.85 16.95
CA ASP A 110 9.12 1.94 15.96
C ASP A 110 10.17 2.95 16.42
N THR A 111 9.74 4.05 17.06
CA THR A 111 10.66 5.06 17.65
C THR A 111 11.47 4.41 18.76
N ASN A 112 10.84 3.55 19.56
CA ASN A 112 11.50 2.85 20.69
C ASN A 112 12.59 1.93 20.15
N LEU A 113 12.31 1.18 19.08
CA LEU A 113 13.27 0.23 18.44
C LEU A 113 14.49 0.99 17.93
N CYS A 114 14.27 2.18 17.37
CA CYS A 114 15.32 3.04 16.78
C CYS A 114 16.22 3.57 17.89
N ALA A 115 15.64 3.96 19.03
CA ALA A 115 16.37 4.39 20.24
C ALA A 115 17.25 3.25 20.75
N ILE A 116 16.65 2.07 20.96
CA ILE A 116 17.35 0.83 21.39
C ILE A 116 18.49 0.54 20.40
N HIS A 117 18.27 0.75 19.10
CA HIS A 117 19.29 0.47 18.05
C HIS A 117 20.57 1.24 18.34
N ALA A 118 20.44 2.48 18.84
CA ALA A 118 21.56 3.41 19.14
C ALA A 118 22.01 3.23 20.59
N LYS A 119 21.63 2.10 21.19
CA LYS A 119 22.09 1.62 22.53
C LYS A 119 21.52 2.53 23.63
N ARG A 120 20.44 3.25 23.35
CA ARG A 120 19.78 4.14 24.34
C ARG A 120 18.47 3.49 24.83
N VAL A 121 17.90 4.10 25.86
CA VAL A 121 16.60 3.72 26.49
C VAL A 121 15.61 4.87 26.28
N THR A 122 16.12 6.05 25.91
CA THR A 122 15.39 7.34 25.75
C THR A 122 15.05 7.56 24.27
N ILE A 123 13.77 7.70 23.94
CA ILE A 123 13.34 8.12 22.57
C ILE A 123 13.66 9.60 22.41
N MET A 124 14.10 10.00 21.22
CA MET A 124 14.53 11.38 20.87
C MET A 124 14.03 11.73 19.48
N PRO A 125 13.76 13.02 19.19
CA PRO A 125 13.22 13.44 17.90
C PRO A 125 13.85 12.63 16.75
N LYS A 126 15.18 12.49 16.76
CA LYS A 126 15.94 11.81 15.69
C LYS A 126 15.43 10.37 15.49
N ASP A 127 14.99 9.69 16.55
CA ASP A 127 14.38 8.33 16.48
C ASP A 127 13.07 8.38 15.69
N ILE A 128 12.16 9.31 16.03
CA ILE A 128 10.86 9.54 15.32
C ILE A 128 11.15 9.83 13.84
N GLN A 129 12.16 10.66 13.57
CA GLN A 129 12.54 11.05 12.19
C GLN A 129 13.01 9.81 11.41
N LEU A 130 13.86 8.97 12.01
CA LEU A 130 14.38 7.76 11.34
C LEU A 130 13.21 6.81 11.06
N ALA A 131 12.40 6.54 12.08
CA ALA A 131 11.18 5.72 11.93
C ALA A 131 10.36 6.25 10.74
N ARG A 132 10.01 7.55 10.75
CA ARG A 132 9.14 8.14 9.70
C ARG A 132 9.86 8.04 8.34
N ARG A 133 11.18 8.25 8.30
CA ARG A 133 11.95 8.21 7.03
C ARG A 133 11.86 6.80 6.43
N ILE A 134 12.00 5.77 7.27
CA ILE A 134 12.09 4.35 6.81
C ILE A 134 10.70 3.86 6.43
N ARG A 135 9.67 4.37 7.14
CA ARG A 135 8.23 4.07 6.90
C ARG A 135 7.80 4.59 5.51
N GLY A 136 8.41 5.67 5.02
CA GLY A 136 8.10 6.28 3.71
C GLY A 136 7.33 7.59 3.85
N GLU A 137 7.00 7.99 5.07
CA GLU A 137 6.20 9.22 5.36
C GLU A 137 7.07 10.44 5.09
N ARG A 138 8.26 10.49 5.69
CA ARG A 138 9.28 11.56 5.52
C ARG A 138 10.12 11.26 4.27
N ALA A 139 10.92 12.22 3.84
CA ALA A 139 11.91 12.10 2.73
C ALA A 139 13.33 12.22 3.31
N ARG B 27 -1.66 28.20 24.32
CA ARG B 27 -2.65 29.13 23.67
C ARG B 27 -3.37 28.38 22.54
N ASP B 28 -2.63 27.81 21.58
CA ASP B 28 -3.15 27.08 20.38
C ASP B 28 -3.85 25.80 20.84
N ASN B 29 -4.62 25.19 19.94
CA ASN B 29 -5.37 23.93 20.20
C ASN B 29 -4.40 22.74 20.26
N ILE B 30 -3.36 22.78 19.43
CA ILE B 30 -2.34 21.70 19.31
C ILE B 30 -1.73 21.44 20.69
N GLN B 31 -1.49 22.48 21.50
CA GLN B 31 -0.89 22.36 22.87
C GLN B 31 -1.84 21.61 23.80
N GLY B 32 -3.14 21.61 23.50
CA GLY B 32 -4.17 20.81 24.20
C GLY B 32 -3.80 19.33 24.22
N ILE B 33 -3.03 18.89 23.22
CA ILE B 33 -2.31 17.59 23.21
C ILE B 33 -1.14 17.74 24.19
N THR B 34 -1.36 17.41 25.46
CA THR B 34 -0.47 17.76 26.60
C THR B 34 0.72 16.80 26.66
N LYS B 35 1.77 17.20 27.40
CA LYS B 35 2.95 16.36 27.71
C LYS B 35 2.48 15.02 28.27
N PRO B 36 1.65 14.98 29.34
CA PRO B 36 1.17 13.72 29.91
C PRO B 36 0.35 12.81 28.97
N ALA B 37 -0.48 13.39 28.09
CA ALA B 37 -1.23 12.65 27.07
C ALA B 37 -0.24 11.91 26.17
N ILE B 38 0.71 12.65 25.59
CA ILE B 38 1.76 12.12 24.68
C ILE B 38 2.52 11.01 25.41
N ARG B 39 2.83 11.22 26.69
CA ARG B 39 3.47 10.21 27.58
C ARG B 39 2.64 8.92 27.56
N ARG B 40 1.35 9.02 27.90
CA ARG B 40 0.44 7.85 27.93
C ARG B 40 0.56 7.10 26.60
N LEU B 41 0.43 7.82 25.49
CA LEU B 41 0.52 7.24 24.12
C LEU B 41 1.84 6.48 23.99
N ALA B 42 2.95 7.12 24.34
CA ALA B 42 4.30 6.50 24.29
C ALA B 42 4.31 5.23 25.15
N ARG B 43 3.74 5.29 26.36
CA ARG B 43 3.74 4.14 27.31
C ARG B 43 3.04 2.95 26.64
N ARG B 44 1.86 3.16 26.07
CA ARG B 44 1.15 2.09 25.33
C ARG B 44 2.05 1.59 24.21
N GLY B 45 2.91 2.46 23.67
CA GLY B 45 3.93 2.12 22.66
C GLY B 45 5.10 1.35 23.25
N GLY B 46 5.28 1.40 24.57
CA GLY B 46 6.29 0.62 25.30
C GLY B 46 7.53 1.44 25.65
N VAL B 47 7.44 2.77 25.55
CA VAL B 47 8.56 3.73 25.75
C VAL B 47 8.74 3.94 27.25
N LYS B 48 9.94 3.68 27.77
CA LYS B 48 10.26 3.78 29.22
C LYS B 48 10.70 5.21 29.55
N ARG B 49 11.51 5.82 28.68
CA ARG B 49 12.16 7.14 28.92
C ARG B 49 11.93 8.05 27.71
N ILE B 50 11.48 9.29 27.94
CA ILE B 50 11.07 10.26 26.86
C ILE B 50 11.90 11.54 26.97
N SER B 51 12.54 11.95 25.85
CA SER B 51 13.25 13.24 25.69
C SER B 51 12.27 14.40 25.77
N GLY B 52 12.67 15.52 26.39
CA GLY B 52 11.87 16.75 26.49
C GLY B 52 11.44 17.28 25.14
N LEU B 53 12.27 17.12 24.11
CA LEU B 53 12.00 17.63 22.74
C LEU B 53 10.91 16.80 22.03
N ILE B 54 10.65 15.56 22.47
CA ILE B 54 9.71 14.59 21.82
C ILE B 54 8.36 15.29 21.65
N TYR B 55 7.87 15.94 22.70
CA TYR B 55 6.46 16.40 22.84
C TYR B 55 6.11 17.34 21.68
N GLU B 56 6.99 18.30 21.38
CA GLU B 56 6.80 19.25 20.25
C GLU B 56 6.86 18.46 18.94
N GLU B 57 7.85 17.58 18.81
CA GLU B 57 8.07 16.76 17.58
C GLU B 57 6.79 15.99 17.29
N THR B 58 6.20 15.36 18.31
CA THR B 58 4.96 14.53 18.24
C THR B 58 3.77 15.39 17.82
N ARG B 59 3.68 16.60 18.37
CA ARG B 59 2.60 17.56 18.02
C ARG B 59 2.72 17.88 16.52
N GLY B 60 3.95 17.99 16.00
CA GLY B 60 4.20 18.24 14.58
C GLY B 60 3.69 17.10 13.73
N VAL B 61 4.04 15.87 14.13
CA VAL B 61 3.69 14.58 13.46
C VAL B 61 2.17 14.39 13.50
N LEU B 62 1.56 14.55 14.67
CA LEU B 62 0.10 14.40 14.84
C LEU B 62 -0.62 15.35 13.89
N LYS B 63 -0.18 16.61 13.80
CA LYS B 63 -0.82 17.67 12.98
C LYS B 63 -0.81 17.24 11.50
N VAL B 64 0.35 16.84 10.99
CA VAL B 64 0.53 16.39 9.59
C VAL B 64 -0.42 15.21 9.34
N PHE B 65 -0.53 14.29 10.30
CA PHE B 65 -1.44 13.13 10.20
C PHE B 65 -2.86 13.65 10.03
N LEU B 66 -3.36 14.43 11.00
CA LEU B 66 -4.75 14.96 10.97
C LEU B 66 -4.97 15.74 9.66
N GLU B 67 -4.04 16.64 9.32
CA GLU B 67 -4.11 17.45 8.07
C GLU B 67 -4.38 16.51 6.90
N ASN B 68 -3.48 15.55 6.64
CA ASN B 68 -3.56 14.64 5.47
C ASN B 68 -4.90 13.91 5.48
N VAL B 69 -5.34 13.45 6.65
CA VAL B 69 -6.58 12.62 6.81
C VAL B 69 -7.78 13.53 6.58
N ILE B 70 -7.91 14.58 7.38
CA ILE B 70 -9.06 15.53 7.37
C ILE B 70 -9.19 16.14 5.96
N ARG B 71 -8.08 16.57 5.34
CA ARG B 71 -8.10 17.12 3.96
C ARG B 71 -8.93 16.20 3.05
N ASP B 72 -8.67 14.90 3.09
CA ASP B 72 -9.36 13.87 2.29
C ASP B 72 -10.81 13.69 2.78
N ALA B 73 -11.02 13.69 4.09
CA ALA B 73 -12.36 13.47 4.69
C ALA B 73 -13.29 14.57 4.16
N VAL B 74 -12.95 15.83 4.44
CA VAL B 74 -13.64 17.04 3.91
C VAL B 74 -13.81 16.90 2.39
N THR B 75 -12.75 16.64 1.62
CA THR B 75 -12.84 16.48 0.15
C THR B 75 -13.99 15.54 -0.21
N TYR B 76 -14.23 14.50 0.60
CA TYR B 76 -15.35 13.54 0.45
C TYR B 76 -16.68 14.23 0.81
N THR B 77 -16.70 14.96 1.94
CA THR B 77 -17.85 15.79 2.39
C THR B 77 -18.23 16.76 1.26
N GLU B 78 -17.26 17.52 0.76
CA GLU B 78 -17.49 18.52 -0.32
C GLU B 78 -18.29 17.86 -1.44
N HIS B 79 -17.89 16.66 -1.85
CA HIS B 79 -18.40 15.93 -3.02
C HIS B 79 -19.84 15.47 -2.77
N ALA B 80 -20.16 15.08 -1.54
CA ALA B 80 -21.53 14.67 -1.13
C ALA B 80 -22.43 15.91 -0.98
N LYS B 81 -21.89 17.11 -1.18
CA LYS B 81 -22.59 18.42 -1.04
C LYS B 81 -23.21 18.47 0.35
N ARG B 82 -22.45 18.04 1.36
CA ARG B 82 -22.84 18.08 2.80
C ARG B 82 -22.06 19.19 3.49
N LYS B 83 -22.53 19.63 4.66
CA LYS B 83 -21.81 20.60 5.53
C LYS B 83 -21.43 19.90 6.83
N THR B 84 -21.75 18.61 6.94
CA THR B 84 -21.39 17.77 8.11
C THR B 84 -20.43 16.66 7.64
N VAL B 85 -19.24 16.60 8.25
CA VAL B 85 -18.26 15.50 8.07
C VAL B 85 -18.81 14.28 8.81
N THR B 86 -19.03 13.18 8.09
CA THR B 86 -19.52 11.88 8.62
C THR B 86 -18.32 10.98 8.98
N ALA B 87 -18.54 9.96 9.81
CA ALA B 87 -17.56 8.89 10.08
C ALA B 87 -17.24 8.15 8.78
N MET B 88 -18.20 8.00 7.88
CA MET B 88 -17.96 7.34 6.55
C MET B 88 -16.95 8.15 5.74
N ASP B 89 -16.93 9.48 5.87
CA ASP B 89 -15.90 10.34 5.22
C ASP B 89 -14.51 9.95 5.74
N VAL B 90 -14.32 10.07 7.06
CA VAL B 90 -13.05 9.74 7.76
C VAL B 90 -12.61 8.31 7.38
N VAL B 91 -13.52 7.35 7.39
CA VAL B 91 -13.18 5.92 7.11
C VAL B 91 -12.58 5.84 5.71
N TYR B 92 -13.28 6.33 4.68
CA TYR B 92 -12.85 6.31 3.25
C TYR B 92 -11.54 7.08 3.10
N ALA B 93 -11.36 8.11 3.94
CA ALA B 93 -10.17 8.98 3.99
C ALA B 93 -8.98 8.18 4.56
N LEU B 94 -9.17 7.61 5.76
CA LEU B 94 -8.19 6.73 6.43
C LEU B 94 -7.80 5.58 5.50
N LYS B 95 -8.75 5.03 4.74
CA LYS B 95 -8.52 3.93 3.75
C LYS B 95 -7.54 4.43 2.68
N ARG B 96 -7.86 5.52 1.99
CA ARG B 96 -7.01 6.17 0.95
C ARG B 96 -5.55 6.28 1.39
N GLN B 97 -5.33 6.64 2.65
CA GLN B 97 -4.01 6.93 3.25
C GLN B 97 -3.37 5.62 3.72
N GLY B 98 -4.09 4.50 3.60
CA GLY B 98 -3.61 3.15 3.96
C GLY B 98 -3.63 2.92 5.47
N ARG B 99 -4.58 3.53 6.18
CA ARG B 99 -4.76 3.36 7.64
C ARG B 99 -6.21 2.92 7.91
N THR B 100 -6.69 1.96 7.11
CA THR B 100 -8.02 1.29 7.22
C THR B 100 -8.40 1.16 8.69
N LEU B 101 -9.59 1.67 9.06
CA LEU B 101 -10.18 1.61 10.42
C LEU B 101 -11.41 0.70 10.38
N TYR B 102 -11.56 -0.20 11.37
CA TYR B 102 -12.72 -1.09 11.54
C TYR B 102 -13.59 -0.59 12.71
N GLY B 103 -14.92 -0.67 12.56
CA GLY B 103 -15.91 -0.44 13.62
C GLY B 103 -16.44 0.99 13.63
N PHE B 104 -16.50 1.63 12.46
CA PHE B 104 -17.17 2.93 12.22
C PHE B 104 -17.80 2.92 10.81
N GLY B 105 -18.09 1.73 10.28
CA GLY B 105 -18.94 1.57 9.09
C GLY B 105 -18.17 1.11 7.86
N GLY B 106 -16.89 0.74 8.00
CA GLY B 106 -16.12 0.08 6.92
C GLY B 106 -17.02 -0.73 6.00
N LYS C 17 -20.10 15.25 -40.28
CA LYS C 17 -18.92 16.00 -39.77
C LYS C 17 -17.73 15.04 -39.60
N ALA C 18 -17.71 14.26 -38.51
CA ALA C 18 -16.56 13.48 -38.01
C ALA C 18 -15.40 14.43 -37.73
N LYS C 19 -15.42 15.07 -36.55
CA LYS C 19 -14.26 15.84 -36.00
C LYS C 19 -13.94 15.30 -34.61
N SER C 20 -12.70 14.84 -34.38
CA SER C 20 -12.26 14.17 -33.14
C SER C 20 -12.78 14.98 -31.94
N ARG C 21 -13.42 14.31 -30.98
CA ARG C 21 -13.87 14.93 -29.70
C ARG C 21 -12.64 15.46 -28.97
N SER C 22 -11.47 14.86 -29.22
CA SER C 22 -10.13 15.42 -28.85
C SER C 22 -10.09 16.91 -29.19
N SER C 23 -10.32 17.26 -30.48
CA SER C 23 -10.31 18.64 -31.02
C SER C 23 -11.36 19.53 -30.36
N ARG C 24 -12.59 19.03 -30.17
CA ARG C 24 -13.67 19.79 -29.51
C ARG C 24 -13.19 20.31 -28.14
N ALA C 25 -12.32 19.55 -27.47
CA ALA C 25 -11.77 19.86 -26.13
C ALA C 25 -10.39 20.53 -26.24
N GLY C 26 -9.83 20.58 -27.44
CA GLY C 26 -8.48 21.13 -27.67
C GLY C 26 -7.45 20.36 -26.88
N LEU C 27 -7.39 19.04 -27.14
CA LEU C 27 -6.50 18.04 -26.49
C LEU C 27 -5.81 17.20 -27.58
N GLN C 28 -4.59 16.74 -27.30
CA GLN C 28 -3.85 15.72 -28.10
C GLN C 28 -4.29 14.32 -27.67
N PHE C 29 -4.71 14.17 -26.40
CA PHE C 29 -5.03 12.86 -25.79
C PHE C 29 -6.42 12.42 -26.24
N PRO C 30 -6.62 11.11 -26.50
CA PRO C 30 -7.79 10.63 -27.23
C PRO C 30 -9.03 10.47 -26.33
N VAL C 31 -9.92 11.46 -26.36
CA VAL C 31 -11.11 11.56 -25.47
C VAL C 31 -12.01 10.35 -25.70
N GLY C 32 -12.15 9.92 -26.96
CA GLY C 32 -12.99 8.77 -27.36
C GLY C 32 -12.45 7.46 -26.80
N ARG C 33 -11.17 7.20 -27.03
CA ARG C 33 -10.45 6.02 -26.48
C ARG C 33 -10.66 5.96 -24.97
N VAL C 34 -10.43 7.09 -24.27
CA VAL C 34 -10.58 7.20 -22.79
C VAL C 34 -12.04 6.91 -22.42
N HIS C 35 -13.00 7.36 -23.23
CA HIS C 35 -14.45 7.11 -23.00
C HIS C 35 -14.70 5.60 -23.03
N ARG C 36 -14.10 4.90 -24.00
CA ARG C 36 -14.18 3.43 -24.13
C ARG C 36 -13.62 2.80 -22.87
N LEU C 37 -12.35 3.09 -22.54
CA LEU C 37 -11.61 2.43 -21.45
C LEU C 37 -12.33 2.63 -20.10
N LEU C 38 -13.06 3.75 -19.95
CA LEU C 38 -13.90 4.02 -18.76
C LEU C 38 -15.12 3.09 -18.75
N ARG C 39 -15.80 2.92 -19.88
CA ARG C 39 -16.98 2.04 -20.01
C ARG C 39 -16.53 0.57 -19.91
N LYS C 40 -15.55 0.17 -20.73
CA LYS C 40 -15.05 -1.23 -20.80
C LYS C 40 -14.30 -1.60 -19.52
N GLY C 41 -14.24 -0.71 -18.54
CA GLY C 41 -13.24 -0.74 -17.46
C GLY C 41 -13.79 -1.23 -16.14
N HIS C 42 -15.04 -1.69 -16.10
CA HIS C 42 -15.69 -2.21 -14.87
C HIS C 42 -15.65 -1.10 -13.80
N TYR C 43 -16.11 0.12 -14.13
CA TYR C 43 -15.94 1.34 -13.29
C TYR C 43 -17.29 1.87 -12.80
N ALA C 44 -18.30 1.92 -13.67
CA ALA C 44 -19.67 2.30 -13.29
C ALA C 44 -20.64 1.99 -14.44
N GLU C 45 -21.91 1.75 -14.11
CA GLU C 45 -22.98 1.45 -15.10
C GLU C 45 -22.91 2.50 -16.20
N ARG C 46 -22.74 3.77 -15.83
CA ARG C 46 -22.81 4.93 -16.77
C ARG C 46 -21.56 5.82 -16.64
N VAL C 47 -21.15 6.43 -17.75
CA VAL C 47 -20.02 7.39 -17.87
C VAL C 47 -20.55 8.66 -18.55
N GLY C 48 -20.47 9.80 -17.86
CA GLY C 48 -20.78 11.13 -18.43
C GLY C 48 -19.94 11.44 -19.67
N ALA C 49 -20.28 12.53 -20.36
CA ALA C 49 -19.56 13.01 -21.57
C ALA C 49 -18.35 13.84 -21.16
N GLY C 50 -18.41 14.43 -19.96
CA GLY C 50 -17.34 15.27 -19.39
C GLY C 50 -16.16 14.44 -18.92
N ALA C 51 -16.43 13.45 -18.06
CA ALA C 51 -15.47 12.49 -17.48
C ALA C 51 -14.28 12.25 -18.42
N PRO C 52 -14.45 11.65 -19.63
CA PRO C 52 -13.32 11.29 -20.48
C PRO C 52 -12.48 12.48 -20.96
N VAL C 53 -13.14 13.60 -21.24
CA VAL C 53 -12.52 14.89 -21.65
C VAL C 53 -11.64 15.39 -20.49
N TYR C 54 -12.23 15.51 -19.30
CA TYR C 54 -11.55 15.95 -18.05
C TYR C 54 -10.35 15.04 -17.78
N LEU C 55 -10.54 13.73 -17.92
CA LEU C 55 -9.52 12.70 -17.61
C LEU C 55 -8.38 12.83 -18.63
N ALA C 56 -8.70 12.86 -19.92
CA ALA C 56 -7.71 12.89 -21.03
C ALA C 56 -6.86 14.15 -20.89
N ALA C 57 -7.46 15.22 -20.35
CA ALA C 57 -6.82 16.54 -20.13
C ALA C 57 -5.76 16.42 -19.04
N VAL C 58 -6.12 15.81 -17.90
CA VAL C 58 -5.23 15.55 -16.74
C VAL C 58 -4.09 14.62 -17.15
N LEU C 59 -4.39 13.59 -17.95
CA LEU C 59 -3.34 12.65 -18.46
C LEU C 59 -2.36 13.43 -19.35
N GLU C 60 -2.88 14.32 -20.20
CA GLU C 60 -2.10 15.13 -21.16
C GLU C 60 -1.22 16.12 -20.40
N TYR C 61 -1.80 16.79 -19.39
CA TYR C 61 -1.09 17.72 -18.48
C TYR C 61 0.13 17.02 -17.85
N LEU C 62 -0.12 15.98 -17.06
CA LEU C 62 0.92 15.22 -16.31
C LEU C 62 1.99 14.70 -17.29
N THR C 63 1.59 14.16 -18.44
CA THR C 63 2.52 13.73 -19.52
C THR C 63 3.47 14.87 -19.90
N ALA C 64 2.91 16.06 -20.15
CA ALA C 64 3.67 17.26 -20.58
C ALA C 64 4.58 17.69 -19.45
N GLU C 65 4.03 17.79 -18.23
CA GLU C 65 4.77 18.24 -17.01
C GLU C 65 6.03 17.38 -16.80
N ILE C 66 5.98 16.07 -17.06
CA ILE C 66 7.18 15.21 -16.85
C ILE C 66 8.04 15.27 -18.11
N LEU C 67 7.45 15.27 -19.31
CA LEU C 67 8.22 15.34 -20.58
C LEU C 67 9.03 16.66 -20.65
N GLU C 68 8.58 17.71 -19.95
CA GLU C 68 9.32 19.00 -19.87
C GLU C 68 10.59 18.74 -19.07
N LEU C 69 10.46 18.26 -17.83
CA LEU C 69 11.60 18.01 -16.89
C LEU C 69 12.53 16.90 -17.42
N ALA C 70 12.00 15.93 -18.15
CA ALA C 70 12.78 14.79 -18.71
C ALA C 70 13.56 15.27 -19.94
N GLY C 71 12.94 16.11 -20.78
CA GLY C 71 13.64 16.78 -21.90
C GLY C 71 14.78 17.65 -21.41
N ASN C 72 14.58 18.37 -20.30
CA ASN C 72 15.58 19.30 -19.75
C ASN C 72 16.77 18.46 -19.30
N ALA C 73 16.52 17.36 -18.59
CA ALA C 73 17.53 16.37 -18.10
C ALA C 73 18.34 15.81 -19.28
N ALA C 74 17.66 15.43 -20.37
CA ALA C 74 18.27 14.88 -21.59
C ALA C 74 19.24 15.91 -22.18
N ARG C 75 18.81 17.17 -22.26
CA ARG C 75 19.60 18.28 -22.85
C ARG C 75 20.81 18.57 -21.94
N ASP C 76 20.65 18.44 -20.61
CA ASP C 76 21.75 18.60 -19.63
C ASP C 76 22.75 17.45 -19.80
N ASN C 77 22.31 16.29 -20.30
CA ASN C 77 23.19 15.10 -20.52
C ASN C 77 23.70 15.08 -21.96
N LYS C 78 23.54 16.18 -22.70
CA LYS C 78 24.05 16.35 -24.09
C LYS C 78 23.43 15.29 -25.00
N LYS C 79 22.13 15.00 -24.84
CA LYS C 79 21.43 13.92 -25.60
C LYS C 79 20.12 14.45 -26.17
N THR C 80 19.85 14.04 -27.42
CA THR C 80 18.62 14.31 -28.22
C THR C 80 17.42 13.57 -27.65
N ARG C 81 17.63 12.34 -27.15
CA ARG C 81 16.54 11.40 -26.81
C ARG C 81 16.42 11.25 -25.29
N ILE C 82 15.20 11.40 -24.78
CA ILE C 82 14.81 11.04 -23.39
C ILE C 82 14.95 9.52 -23.24
N ILE C 83 15.73 9.10 -22.25
CA ILE C 83 15.87 7.69 -21.79
C ILE C 83 15.37 7.62 -20.34
N PRO C 84 15.06 6.41 -19.84
CA PRO C 84 14.53 6.26 -18.48
C PRO C 84 15.30 7.03 -17.38
N ARG C 85 16.63 6.99 -17.43
CA ARG C 85 17.44 7.77 -16.46
C ARG C 85 16.88 9.20 -16.43
N HIS C 86 16.60 9.80 -17.60
CA HIS C 86 16.10 11.20 -17.73
C HIS C 86 14.76 11.33 -16.99
N LEU C 87 13.85 10.38 -17.17
CA LEU C 87 12.54 10.34 -16.45
C LEU C 87 12.81 10.22 -14.95
N GLN C 88 13.75 9.36 -14.56
CA GLN C 88 14.10 9.13 -13.13
C GLN C 88 14.59 10.44 -12.51
N LEU C 89 15.59 11.08 -13.15
CA LEU C 89 16.10 12.42 -12.75
C LEU C 89 14.94 13.43 -12.72
N ALA C 90 14.15 13.50 -13.79
CA ALA C 90 12.99 14.40 -13.88
C ALA C 90 12.10 14.20 -12.66
N ILE C 91 11.73 12.96 -12.38
CA ILE C 91 10.65 12.61 -11.39
C ILE C 91 11.18 12.79 -9.97
N ARG C 92 12.39 12.31 -9.66
CA ARG C 92 12.87 12.22 -8.25
C ARG C 92 13.30 13.61 -7.76
N ASN C 93 13.70 14.49 -8.67
CA ASN C 93 14.19 15.86 -8.33
C ASN C 93 12.98 16.82 -8.18
N ASP C 94 11.84 16.51 -8.80
CA ASP C 94 10.58 17.26 -8.64
C ASP C 94 9.85 16.75 -7.40
N GLU C 95 9.60 17.63 -6.42
CA GLU C 95 8.94 17.26 -5.15
C GLU C 95 7.65 16.49 -5.41
N GLU C 96 6.76 17.03 -6.24
CA GLU C 96 5.33 16.60 -6.35
C GLU C 96 5.20 15.34 -7.22
N LEU C 97 6.01 15.18 -8.27
CA LEU C 97 6.00 13.96 -9.13
C LEU C 97 6.55 12.77 -8.34
N ASN C 98 7.59 13.04 -7.54
CA ASN C 98 8.29 12.04 -6.68
C ASN C 98 7.31 11.46 -5.68
N LYS C 99 6.46 12.30 -5.09
CA LYS C 99 5.39 11.89 -4.15
C LYS C 99 4.31 11.13 -4.91
N LEU C 100 3.88 11.64 -6.07
CA LEU C 100 2.87 10.96 -6.94
C LEU C 100 3.37 9.56 -7.30
N LEU C 101 4.65 9.44 -7.65
CA LEU C 101 5.28 8.15 -8.07
C LEU C 101 6.23 7.64 -6.99
N GLY C 102 5.86 7.83 -5.72
CA GLY C 102 6.63 7.41 -4.53
C GLY C 102 6.78 5.90 -4.46
N GLY C 103 5.75 5.14 -4.86
CA GLY C 103 5.73 3.66 -4.81
C GLY C 103 5.96 3.04 -6.18
N VAL C 104 6.73 3.71 -7.05
CA VAL C 104 6.96 3.29 -8.46
C VAL C 104 8.46 3.06 -8.69
N THR C 105 8.77 2.03 -9.47
CA THR C 105 10.13 1.63 -9.90
C THR C 105 10.23 1.89 -11.40
N ILE C 106 11.14 2.76 -11.80
CA ILE C 106 11.44 3.02 -13.24
C ILE C 106 12.60 2.12 -13.66
N ALA C 107 12.28 1.08 -14.41
CA ALA C 107 13.28 0.17 -15.03
C ALA C 107 14.35 1.05 -15.66
N GLN C 108 15.62 0.78 -15.38
CA GLN C 108 16.80 1.46 -15.97
C GLN C 108 16.81 2.96 -15.59
N GLY C 109 16.18 3.32 -14.48
CA GLY C 109 16.21 4.70 -13.94
C GLY C 109 17.48 4.97 -13.16
N GLY C 110 17.96 4.01 -12.37
CA GLY C 110 19.03 4.25 -11.40
C GLY C 110 18.50 5.01 -10.19
N VAL C 111 19.41 5.68 -9.46
CA VAL C 111 19.13 6.46 -8.22
C VAL C 111 19.72 7.87 -8.34
N LEU C 112 19.23 8.82 -7.54
CA LEU C 112 19.84 10.18 -7.44
C LEU C 112 21.16 10.02 -6.72
N PRO C 113 22.25 10.64 -7.23
CA PRO C 113 23.49 10.81 -6.48
C PRO C 113 23.21 11.43 -5.11
N ASN C 114 23.56 10.72 -4.06
CA ASN C 114 23.36 11.15 -2.65
C ASN C 114 24.26 10.27 -1.78
N ILE C 115 25.27 10.88 -1.17
CA ILE C 115 26.19 10.27 -0.18
C ILE C 115 25.98 11.03 1.13
N GLN C 116 25.59 10.34 2.20
CA GLN C 116 25.42 10.97 3.54
C GLN C 116 26.74 11.67 3.89
N ALA C 117 26.66 12.80 4.61
CA ALA C 117 27.81 13.66 4.97
C ALA C 117 28.86 12.85 5.75
N VAL C 118 28.44 12.09 6.77
CA VAL C 118 29.34 11.41 7.76
C VAL C 118 30.26 10.42 7.04
N LEU C 119 30.00 10.11 5.77
CA LEU C 119 30.80 9.12 5.00
C LEU C 119 31.90 9.83 4.19
N LEU C 120 31.78 11.14 3.99
CA LEU C 120 32.73 11.96 3.18
C LEU C 120 34.01 12.18 3.96
N PRO C 121 35.19 12.10 3.30
CA PRO C 121 36.47 12.23 3.99
C PRO C 121 36.62 13.62 4.63
N LYS C 122 37.15 13.65 5.86
CA LYS C 122 37.39 14.89 6.66
C LYS C 122 38.60 15.66 6.11
N LYS C 123 38.92 16.80 6.72
CA LYS C 123 40.09 17.68 6.40
C LYS C 123 40.08 17.97 4.89
N THR C 124 39.10 18.76 4.44
CA THR C 124 38.97 19.29 3.05
C THR C 124 38.86 20.82 3.12
N SER C 125 39.88 21.53 2.64
CA SER C 125 39.98 23.02 2.65
C SER C 125 39.42 23.61 1.35
N ALA C 126 38.65 22.81 0.59
CA ALA C 126 37.94 23.20 -0.65
C ALA C 126 36.99 24.36 -0.34
N ARG D 33 -0.79 -14.59 -39.70
CA ARG D 33 0.47 -13.71 -39.78
C ARG D 33 0.07 -12.25 -39.48
N LYS D 34 0.95 -11.26 -39.64
CA LYS D 34 0.58 -9.84 -39.42
C LYS D 34 0.05 -9.69 -37.99
N ARG D 35 0.98 -9.62 -37.02
CA ARG D 35 0.75 -9.64 -35.54
C ARG D 35 -0.52 -8.86 -35.17
N SER D 36 -1.22 -9.30 -34.12
CA SER D 36 -2.50 -8.72 -33.62
C SER D 36 -2.30 -7.25 -33.24
N ARG D 37 -3.41 -6.50 -33.07
CA ARG D 37 -3.42 -5.02 -32.93
C ARG D 37 -3.29 -4.65 -31.45
N LYS D 38 -2.16 -4.05 -31.05
CA LYS D 38 -1.87 -3.59 -29.66
C LYS D 38 -1.90 -2.07 -29.61
N GLU D 39 -2.80 -1.49 -28.81
CA GLU D 39 -2.92 -0.03 -28.58
C GLU D 39 -1.79 0.44 -27.67
N SER D 40 -1.64 1.77 -27.57
CA SER D 40 -0.53 2.49 -26.91
C SER D 40 -0.86 3.98 -26.89
N TYR D 41 -0.39 4.71 -25.89
CA TYR D 41 -0.51 6.18 -25.79
C TYR D 41 0.65 6.88 -26.52
N SER D 42 1.53 6.11 -27.18
CA SER D 42 2.85 6.57 -27.72
C SER D 42 2.68 7.62 -28.83
N ILE D 43 1.50 7.73 -29.41
CA ILE D 43 1.19 8.65 -30.54
C ILE D 43 0.97 10.05 -29.95
N TYR D 44 0.35 10.12 -28.77
CA TYR D 44 -0.03 11.36 -28.08
C TYR D 44 1.14 11.85 -27.22
N VAL D 45 1.98 10.93 -26.75
CA VAL D 45 3.20 11.25 -25.97
C VAL D 45 4.18 11.97 -26.90
N TYR D 46 4.42 11.44 -28.10
CA TYR D 46 5.25 12.10 -29.13
C TYR D 46 4.67 13.49 -29.47
N LYS D 47 3.34 13.61 -29.51
CA LYS D 47 2.66 14.88 -29.89
C LYS D 47 2.99 15.93 -28.84
N VAL D 48 2.72 15.62 -27.57
CA VAL D 48 3.01 16.50 -26.40
C VAL D 48 4.53 16.70 -26.31
N LEU D 49 5.32 15.67 -26.63
CA LEU D 49 6.79 15.81 -26.62
C LEU D 49 7.19 16.91 -27.62
N LYS D 50 6.61 16.92 -28.82
CA LYS D 50 7.01 17.88 -29.87
C LYS D 50 6.49 19.27 -29.49
N GLN D 51 5.31 19.35 -28.88
CA GLN D 51 4.78 20.62 -28.33
C GLN D 51 5.85 21.22 -27.40
N VAL D 52 6.33 20.45 -26.44
CA VAL D 52 7.14 20.93 -25.28
C VAL D 52 8.63 21.03 -25.67
N HIS D 53 9.16 19.99 -26.32
CA HIS D 53 10.57 19.89 -26.77
C HIS D 53 10.60 19.47 -28.24
N PRO D 54 10.51 20.43 -29.20
CA PRO D 54 10.39 20.09 -30.61
C PRO D 54 11.59 19.35 -31.22
N ASP D 55 12.80 19.50 -30.65
CA ASP D 55 14.02 18.89 -31.25
C ASP D 55 14.47 17.67 -30.41
N THR D 56 13.70 17.28 -29.39
CA THR D 56 14.01 16.16 -28.47
C THR D 56 13.18 14.93 -28.88
N GLY D 57 13.83 13.77 -29.01
CA GLY D 57 13.19 12.46 -29.25
C GLY D 57 13.03 11.64 -27.98
N ILE D 58 12.75 10.33 -28.10
CA ILE D 58 12.45 9.42 -26.95
C ILE D 58 12.71 7.97 -27.34
N SER D 59 13.43 7.23 -26.48
CA SER D 59 13.80 5.81 -26.67
C SER D 59 12.60 4.91 -26.38
N SER D 60 12.60 3.72 -26.99
CA SER D 60 11.62 2.61 -26.77
C SER D 60 11.29 2.50 -25.28
N LYS D 61 12.31 2.30 -24.45
CA LYS D 61 12.15 2.03 -22.99
C LYS D 61 11.48 3.25 -22.36
N ALA D 62 11.98 4.45 -22.64
CA ALA D 62 11.43 5.74 -22.16
C ALA D 62 9.94 5.81 -22.53
N MET D 63 9.59 5.55 -23.78
CA MET D 63 8.18 5.59 -24.25
C MET D 63 7.36 4.57 -23.46
N GLY D 64 7.94 3.38 -23.24
CA GLY D 64 7.35 2.29 -22.42
C GLY D 64 7.01 2.78 -21.02
N ILE D 65 7.98 3.36 -20.33
CA ILE D 65 7.79 3.98 -18.98
C ILE D 65 6.68 5.04 -19.05
N MET D 66 6.59 5.80 -20.15
CA MET D 66 5.52 6.84 -20.30
C MET D 66 4.15 6.16 -20.42
N ASN D 67 4.08 5.05 -21.16
CA ASN D 67 2.84 4.25 -21.34
C ASN D 67 2.37 3.71 -20.00
N SER D 68 3.29 3.12 -19.23
CA SER D 68 2.99 2.55 -17.90
C SER D 68 2.47 3.67 -17.00
N PHE D 69 3.07 4.86 -17.10
CA PHE D 69 2.68 6.07 -16.33
C PHE D 69 1.22 6.44 -16.61
N VAL D 70 0.85 6.53 -17.88
CA VAL D 70 -0.50 6.99 -18.30
C VAL D 70 -1.54 5.95 -17.87
N ASN D 71 -1.23 4.66 -18.10
CA ASN D 71 -2.11 3.53 -17.70
C ASN D 71 -2.29 3.55 -16.18
N ASP D 72 -1.22 3.75 -15.43
CA ASP D 72 -1.23 3.74 -13.94
C ASP D 72 -2.19 4.84 -13.47
N ILE D 73 -1.92 6.11 -13.82
CA ILE D 73 -2.68 7.30 -13.32
C ILE D 73 -4.12 7.22 -13.82
N PHE D 74 -4.35 6.77 -15.04
CA PHE D 74 -5.72 6.47 -15.54
C PHE D 74 -6.44 5.64 -14.47
N GLU D 75 -5.90 4.45 -14.15
CA GLU D 75 -6.51 3.46 -13.23
C GLU D 75 -6.74 4.08 -11.85
N ARG D 76 -5.76 4.80 -11.32
CA ARG D 76 -5.86 5.47 -10.00
C ARG D 76 -7.08 6.40 -9.98
N ILE D 77 -7.18 7.29 -10.97
CA ILE D 77 -8.27 8.30 -11.10
C ILE D 77 -9.60 7.56 -11.33
N ALA D 78 -9.65 6.65 -12.31
CA ALA D 78 -10.86 5.91 -12.70
C ALA D 78 -11.42 5.13 -11.49
N GLY D 79 -10.53 4.59 -10.65
CA GLY D 79 -10.91 3.86 -9.43
C GLY D 79 -11.50 4.78 -8.36
N GLU D 80 -10.78 5.85 -8.00
CA GLU D 80 -11.22 6.83 -6.96
C GLU D 80 -12.52 7.50 -7.43
N ALA D 81 -12.72 7.60 -8.74
CA ALA D 81 -13.97 8.13 -9.36
C ALA D 81 -15.09 7.11 -9.15
N SER D 82 -14.80 5.84 -9.45
CA SER D 82 -15.72 4.68 -9.28
C SER D 82 -16.21 4.60 -7.83
N ARG D 83 -15.33 4.88 -6.86
CA ARG D 83 -15.62 4.79 -5.41
C ARG D 83 -16.48 5.98 -4.99
N LEU D 84 -16.15 7.18 -5.47
CA LEU D 84 -16.90 8.44 -5.20
C LEU D 84 -18.36 8.27 -5.63
N ALA D 85 -18.56 7.82 -6.87
CA ALA D 85 -19.89 7.45 -7.42
C ALA D 85 -20.61 6.54 -6.41
N HIS D 86 -20.03 5.37 -6.12
CA HIS D 86 -20.59 4.31 -5.24
C HIS D 86 -20.90 4.87 -3.85
N TYR D 87 -19.93 5.52 -3.18
CA TYR D 87 -20.08 6.08 -1.81
C TYR D 87 -21.30 7.00 -1.75
N ASN D 88 -21.72 7.54 -2.90
CA ASN D 88 -22.83 8.53 -3.02
C ASN D 88 -23.99 7.94 -3.82
N LYS D 89 -24.10 6.61 -3.91
CA LYS D 89 -25.19 5.89 -4.62
C LYS D 89 -25.48 6.56 -5.98
N ARG D 90 -24.44 6.87 -6.76
CA ARG D 90 -24.57 7.40 -8.15
C ARG D 90 -24.17 6.32 -9.13
N SER D 91 -24.91 6.18 -10.23
CA SER D 91 -24.69 5.15 -11.29
C SER D 91 -23.74 5.70 -12.36
N THR D 92 -23.28 6.94 -12.20
CA THR D 92 -22.56 7.69 -13.26
C THR D 92 -21.28 8.33 -12.71
N ILE D 93 -20.13 8.00 -13.31
CA ILE D 93 -18.86 8.77 -13.20
C ILE D 93 -18.96 9.97 -14.13
N THR D 94 -19.17 11.17 -13.57
CA THR D 94 -19.13 12.48 -14.27
C THR D 94 -17.75 13.12 -14.13
N SER D 95 -17.50 14.18 -14.90
CA SER D 95 -16.30 15.05 -14.80
C SER D 95 -16.15 15.55 -13.35
N ARG D 96 -17.26 15.75 -12.65
CA ARG D 96 -17.25 16.17 -11.23
C ARG D 96 -16.54 15.10 -10.38
N GLU D 97 -16.69 13.80 -10.69
CA GLU D 97 -16.00 12.68 -9.97
C GLU D 97 -14.52 12.66 -10.35
N ILE D 98 -14.20 12.58 -11.64
CA ILE D 98 -12.80 12.76 -12.16
C ILE D 98 -12.14 13.89 -11.36
N GLN D 99 -12.82 15.03 -11.21
CA GLN D 99 -12.25 16.23 -10.56
C GLN D 99 -11.88 15.90 -9.11
N THR D 100 -12.82 15.40 -8.33
CA THR D 100 -12.64 15.11 -6.88
C THR D 100 -11.53 14.07 -6.75
N ALA D 101 -11.58 13.04 -7.59
CA ALA D 101 -10.53 12.01 -7.73
C ALA D 101 -9.17 12.71 -7.78
N VAL D 102 -9.00 13.60 -8.77
CA VAL D 102 -7.73 14.34 -9.05
C VAL D 102 -7.32 15.14 -7.82
N ARG D 103 -8.28 15.73 -7.10
CA ARG D 103 -8.01 16.50 -5.85
C ARG D 103 -7.38 15.55 -4.81
N LEU D 104 -8.00 14.39 -4.61
CA LEU D 104 -7.57 13.38 -3.61
C LEU D 104 -6.18 12.83 -3.94
N LEU D 105 -5.88 12.66 -5.24
CA LEU D 105 -4.86 11.72 -5.77
C LEU D 105 -3.59 12.46 -6.22
N LEU D 106 -3.71 13.66 -6.77
CA LEU D 106 -2.53 14.48 -7.14
C LEU D 106 -2.13 15.35 -5.95
N PRO D 107 -0.82 15.62 -5.76
CA PRO D 107 -0.35 16.51 -4.70
C PRO D 107 -0.38 18.01 -5.04
N GLY D 108 -1.03 18.80 -4.18
CA GLY D 108 -1.04 20.28 -4.16
C GLY D 108 -1.01 20.91 -5.54
N GLU D 109 0.11 21.53 -5.91
CA GLU D 109 0.26 22.39 -7.10
C GLU D 109 -0.01 21.60 -8.39
N LEU D 110 0.18 20.29 -8.38
CA LEU D 110 -0.06 19.39 -9.55
C LEU D 110 -1.57 19.23 -9.73
N ALA D 111 -2.32 19.14 -8.63
CA ALA D 111 -3.79 19.02 -8.61
C ALA D 111 -4.40 20.32 -9.15
N LYS D 112 -4.01 21.46 -8.56
CA LYS D 112 -4.47 22.82 -8.95
C LYS D 112 -4.39 22.98 -10.47
N HIS D 113 -3.21 22.81 -11.05
CA HIS D 113 -2.94 22.90 -12.51
C HIS D 113 -3.76 21.86 -13.29
N ALA D 114 -3.83 20.61 -12.81
CA ALA D 114 -4.57 19.51 -13.45
C ALA D 114 -6.05 19.87 -13.51
N VAL D 115 -6.64 20.25 -12.38
CA VAL D 115 -8.09 20.62 -12.28
C VAL D 115 -8.37 21.69 -13.32
N SER D 116 -7.60 22.78 -13.31
CA SER D 116 -7.80 23.93 -14.23
C SER D 116 -7.76 23.42 -15.68
N GLU D 117 -6.69 22.72 -16.08
CA GLU D 117 -6.53 22.12 -17.44
C GLU D 117 -7.74 21.22 -17.73
N GLY D 118 -8.21 20.47 -16.73
CA GLY D 118 -9.37 19.58 -16.85
C GLY D 118 -10.63 20.37 -17.10
N THR D 119 -11.03 21.21 -16.14
CA THR D 119 -12.21 22.11 -16.21
C THR D 119 -12.27 22.80 -17.58
N LYS D 120 -11.15 23.34 -18.04
CA LYS D 120 -11.04 24.09 -19.31
C LYS D 120 -11.55 23.21 -20.46
N ALA D 121 -10.92 22.07 -20.67
CA ALA D 121 -11.24 21.12 -21.77
C ALA D 121 -12.72 20.74 -21.74
N VAL D 122 -13.30 20.54 -20.55
CA VAL D 122 -14.76 20.25 -20.38
C VAL D 122 -15.51 21.46 -20.95
N THR D 123 -15.37 22.63 -20.32
CA THR D 123 -15.96 23.92 -20.76
C THR D 123 -15.85 24.07 -22.28
N LYS D 124 -14.64 23.97 -22.83
CA LYS D 124 -14.37 24.12 -24.29
C LYS D 124 -15.20 23.09 -25.07
N TYR D 125 -15.29 21.85 -24.57
CA TYR D 125 -16.05 20.73 -25.18
C TYR D 125 -17.56 21.03 -25.10
N THR D 126 -18.05 21.47 -23.94
CA THR D 126 -19.49 21.72 -23.63
C THR D 126 -20.08 22.65 -24.71
N SER D 127 -19.34 23.69 -25.10
CA SER D 127 -19.79 24.78 -26.01
C SER D 127 -19.67 24.32 -27.48
N ALA D 128 -18.58 23.65 -27.84
CA ALA D 128 -18.33 23.13 -29.21
C ALA D 128 -19.52 22.28 -29.68
N LYS D 129 -19.68 21.08 -29.10
CA LYS D 129 -20.83 20.16 -29.34
C LYS D 129 -22.15 20.88 -29.03
N PRO E 42 55.32 1.97 -5.12
CA PRO E 42 54.04 1.33 -4.79
C PRO E 42 52.98 2.35 -4.32
N HIS E 43 51.79 2.31 -4.91
CA HIS E 43 50.67 3.25 -4.62
C HIS E 43 49.45 2.49 -4.10
N ARG E 44 48.77 3.08 -3.13
CA ARG E 44 47.72 2.39 -2.32
C ARG E 44 46.77 3.47 -1.80
N TYR E 45 45.48 3.34 -2.11
CA TYR E 45 44.42 4.24 -1.59
C TYR E 45 44.09 3.87 -0.14
N ARG E 46 43.67 4.86 0.65
CA ARG E 46 43.36 4.67 2.09
C ARG E 46 41.99 4.01 2.19
N PRO E 47 41.74 3.13 3.18
CA PRO E 47 40.47 2.42 3.26
C PRO E 47 39.28 3.37 3.26
N GLY E 48 38.44 3.27 2.23
CA GLY E 48 37.18 4.04 2.10
C GLY E 48 37.20 5.00 0.92
N THR E 49 38.38 5.28 0.38
CA THR E 49 38.61 6.18 -0.78
C THR E 49 38.03 5.54 -2.03
N VAL E 50 38.29 4.25 -2.25
CA VAL E 50 37.72 3.49 -3.39
C VAL E 50 36.22 3.26 -3.17
N ALA E 51 35.77 3.10 -1.92
CA ALA E 51 34.35 2.85 -1.57
C ALA E 51 33.49 4.03 -2.04
N LEU E 52 33.85 5.24 -1.61
CA LEU E 52 33.28 6.52 -2.11
C LEU E 52 33.32 6.53 -3.64
N ARG E 53 34.47 6.22 -4.24
CA ARG E 53 34.64 6.22 -5.71
C ARG E 53 33.55 5.36 -6.34
N GLU E 54 33.37 4.15 -5.80
CA GLU E 54 32.40 3.12 -6.26
C GLU E 54 30.96 3.66 -6.08
N ILE E 55 30.66 4.23 -4.92
CA ILE E 55 29.32 4.84 -4.64
C ILE E 55 28.97 5.78 -5.80
N ARG E 56 29.91 6.67 -6.17
CA ARG E 56 29.74 7.68 -7.24
C ARG E 56 29.52 6.97 -8.57
N ARG E 57 30.32 5.92 -8.81
CA ARG E 57 30.34 5.18 -10.09
C ARG E 57 28.96 4.57 -10.36
N TYR E 58 28.37 3.93 -9.35
CA TYR E 58 27.14 3.11 -9.48
C TYR E 58 25.91 4.02 -9.34
N GLN E 59 26.04 5.17 -8.65
CA GLN E 59 24.92 6.13 -8.50
C GLN E 59 24.80 7.01 -9.75
N LYS E 60 25.82 7.00 -10.62
CA LYS E 60 25.80 7.66 -11.96
C LYS E 60 25.08 6.75 -12.97
N SER E 61 25.20 5.44 -12.79
CA SER E 61 24.82 4.41 -13.80
C SER E 61 23.45 3.79 -13.47
N THR E 62 22.86 3.10 -14.47
CA THR E 62 21.57 2.38 -14.36
C THR E 62 21.72 0.91 -14.76
N GLU E 63 22.91 0.47 -15.22
CA GLU E 63 23.11 -0.95 -15.63
C GLU E 63 22.79 -1.81 -14.42
N LEU E 64 22.22 -2.99 -14.64
CA LEU E 64 21.96 -4.02 -13.60
C LEU E 64 23.30 -4.49 -13.03
N LEU E 65 23.35 -4.76 -11.72
CA LEU E 65 24.59 -4.95 -10.94
C LEU E 65 24.79 -6.43 -10.57
N ILE E 66 23.74 -7.25 -10.69
CA ILE E 66 23.82 -8.74 -10.58
C ILE E 66 24.02 -9.28 -12.00
N ARG E 67 24.85 -10.31 -12.16
CA ARG E 67 25.15 -10.93 -13.47
C ARG E 67 23.87 -11.66 -13.91
N LYS E 68 23.59 -11.72 -15.21
CA LYS E 68 22.25 -12.08 -15.75
C LYS E 68 21.98 -13.58 -15.54
N LEU E 69 22.94 -14.44 -15.86
CA LEU E 69 22.76 -15.91 -15.86
C LEU E 69 22.57 -16.42 -14.44
N PRO E 70 23.44 -16.07 -13.48
CA PRO E 70 23.23 -16.45 -12.08
C PRO E 70 21.82 -16.11 -11.60
N PHE E 71 21.36 -14.90 -11.89
CA PHE E 71 20.04 -14.39 -11.44
C PHE E 71 18.97 -15.31 -12.03
N GLN E 72 19.08 -15.61 -13.32
CA GLN E 72 18.08 -16.43 -14.06
C GLN E 72 18.01 -17.82 -13.43
N ARG E 73 19.16 -18.49 -13.24
CA ARG E 73 19.23 -19.84 -12.61
C ARG E 73 18.46 -19.82 -11.30
N LEU E 74 18.57 -18.74 -10.52
CA LEU E 74 17.94 -18.56 -9.19
C LEU E 74 16.43 -18.36 -9.35
N VAL E 75 16.02 -17.70 -10.45
CA VAL E 75 14.59 -17.46 -10.75
C VAL E 75 13.97 -18.80 -11.12
N ARG E 76 14.60 -19.52 -12.06
CA ARG E 76 14.19 -20.89 -12.45
C ARG E 76 14.17 -21.78 -11.21
N GLU E 77 15.22 -21.73 -10.38
CA GLU E 77 15.34 -22.61 -9.19
C GLU E 77 14.16 -22.38 -8.26
N ILE E 78 13.82 -21.12 -8.00
CA ILE E 78 12.75 -20.74 -7.03
C ILE E 78 11.38 -21.04 -7.64
N ALA E 79 11.23 -20.82 -8.93
CA ALA E 79 9.94 -21.00 -9.67
C ALA E 79 9.64 -22.48 -9.76
N GLN E 80 10.67 -23.28 -10.03
CA GLN E 80 10.61 -24.76 -10.18
C GLN E 80 10.06 -25.36 -8.87
N ASP E 81 10.44 -24.79 -7.72
CA ASP E 81 10.02 -25.27 -6.38
C ASP E 81 8.55 -24.92 -6.10
N PHE E 82 7.93 -24.00 -6.87
CA PHE E 82 6.48 -23.65 -6.81
C PHE E 82 5.69 -24.44 -7.86
N LYS E 83 6.29 -24.63 -9.03
CA LYS E 83 5.69 -25.42 -10.13
C LYS E 83 6.81 -25.87 -11.09
N THR E 84 6.77 -27.16 -11.46
CA THR E 84 7.68 -27.81 -12.42
C THR E 84 7.28 -27.41 -13.84
N ASP E 85 8.22 -27.51 -14.78
CA ASP E 85 7.99 -27.32 -16.24
C ASP E 85 7.35 -25.95 -16.48
N LEU E 86 7.97 -24.89 -15.95
CA LEU E 86 7.63 -23.47 -16.22
C LEU E 86 8.66 -22.92 -17.22
N ARG E 87 8.20 -22.09 -18.16
CA ARG E 87 9.09 -21.28 -19.05
C ARG E 87 8.95 -19.81 -18.65
N PHE E 88 9.96 -19.02 -19.02
CA PHE E 88 10.01 -17.57 -18.74
C PHE E 88 10.29 -16.83 -20.05
N GLN E 89 9.44 -15.85 -20.38
CA GLN E 89 9.76 -14.76 -21.35
C GLN E 89 10.96 -13.99 -20.80
N SER E 90 12.01 -13.78 -21.59
CA SER E 90 13.27 -13.17 -21.06
C SER E 90 12.93 -11.84 -20.35
N SER E 91 11.90 -11.13 -20.83
CA SER E 91 11.38 -9.87 -20.25
C SER E 91 10.88 -10.07 -18.82
N ALA E 92 10.26 -11.21 -18.53
CA ALA E 92 9.75 -11.57 -17.19
C ALA E 92 10.93 -11.74 -16.22
N VAL E 93 12.06 -12.25 -16.72
CA VAL E 93 13.31 -12.35 -15.91
C VAL E 93 13.85 -10.93 -15.72
N MET E 94 14.02 -10.18 -16.81
CA MET E 94 14.55 -8.78 -16.76
C MET E 94 13.71 -7.95 -15.80
N ALA E 95 12.38 -8.04 -15.90
CA ALA E 95 11.41 -7.35 -15.02
C ALA E 95 11.64 -7.76 -13.58
N LEU E 96 11.86 -9.06 -13.35
CA LEU E 96 12.11 -9.66 -12.01
C LEU E 96 13.45 -9.15 -11.47
N GLN E 97 14.48 -9.07 -12.32
CA GLN E 97 15.81 -8.57 -11.91
C GLN E 97 15.70 -7.07 -11.61
N GLU E 98 15.04 -6.30 -12.47
CA GLU E 98 14.82 -4.84 -12.29
C GLU E 98 14.19 -4.62 -10.91
N ALA E 99 13.14 -5.36 -10.60
CA ALA E 99 12.37 -5.21 -9.36
C ALA E 99 13.23 -5.58 -8.15
N CYS E 100 14.11 -6.57 -8.30
CA CYS E 100 14.92 -7.15 -7.19
C CYS E 100 16.01 -6.17 -6.76
N GLU E 101 16.77 -5.68 -7.75
CA GLU E 101 17.86 -4.70 -7.54
C GLU E 101 17.27 -3.40 -6.99
N ALA E 102 16.18 -2.89 -7.60
CA ALA E 102 15.45 -1.69 -7.12
C ALA E 102 15.17 -1.84 -5.62
N TYR E 103 14.65 -3.00 -5.22
CA TYR E 103 14.23 -3.33 -3.82
C TYR E 103 15.47 -3.30 -2.92
N LEU E 104 16.56 -3.93 -3.37
CA LEU E 104 17.79 -4.15 -2.56
C LEU E 104 18.54 -2.83 -2.38
N VAL E 105 18.62 -2.01 -3.44
CA VAL E 105 19.25 -0.66 -3.37
C VAL E 105 18.44 0.20 -2.40
N GLY E 106 17.12 0.16 -2.51
CA GLY E 106 16.21 0.82 -1.57
C GLY E 106 16.52 0.41 -0.14
N LEU E 107 16.76 -0.88 0.08
CA LEU E 107 16.93 -1.48 1.43
C LEU E 107 18.30 -1.13 1.99
N PHE E 108 19.35 -1.09 1.15
CA PHE E 108 20.70 -0.67 1.59
C PHE E 108 20.66 0.80 2.04
N GLU E 109 19.92 1.69 1.36
CA GLU E 109 19.76 3.09 1.81
C GLU E 109 19.26 3.08 3.26
N ASP E 110 18.09 2.47 3.48
CA ASP E 110 17.42 2.46 4.81
C ASP E 110 18.37 1.83 5.83
N THR E 111 19.00 0.71 5.47
CA THR E 111 20.02 0.02 6.28
C THR E 111 21.06 1.05 6.73
N ASN E 112 21.68 1.73 5.76
CA ASN E 112 22.77 2.73 5.93
C ASN E 112 22.35 3.80 6.95
N LEU E 113 21.11 4.30 6.85
CA LEU E 113 20.58 5.33 7.78
C LEU E 113 20.56 4.75 9.20
N CYS E 114 20.17 3.48 9.35
CA CYS E 114 20.11 2.77 10.65
C CYS E 114 21.53 2.60 11.18
N ALA E 115 22.46 2.19 10.32
CA ALA E 115 23.91 2.10 10.64
C ALA E 115 24.33 3.44 11.24
N ILE E 116 24.10 4.51 10.49
CA ILE E 116 24.52 5.90 10.85
C ILE E 116 23.80 6.30 12.14
N HIS E 117 22.50 6.02 12.27
CA HIS E 117 21.71 6.29 13.49
C HIS E 117 22.42 5.77 14.75
N ALA E 118 23.13 4.64 14.63
CA ALA E 118 23.86 3.95 15.73
C ALA E 118 25.29 4.48 15.84
N LYS E 119 25.55 5.67 15.29
CA LYS E 119 26.89 6.33 15.25
C LYS E 119 27.93 5.38 14.63
N ARG E 120 27.51 4.58 13.63
CA ARG E 120 28.41 3.67 12.88
C ARG E 120 28.40 4.05 11.41
N VAL E 121 29.35 3.50 10.66
CA VAL E 121 29.58 3.77 9.22
C VAL E 121 29.51 2.45 8.45
N THR E 122 29.51 1.33 9.18
CA THR E 122 29.49 -0.06 8.65
C THR E 122 28.07 -0.64 8.82
N ILE E 123 27.42 -1.04 7.71
CA ILE E 123 26.10 -1.74 7.75
C ILE E 123 26.29 -3.16 8.30
N MET E 124 25.34 -3.62 9.11
CA MET E 124 25.39 -4.91 9.83
C MET E 124 24.02 -5.58 9.74
N PRO E 125 23.93 -6.92 9.84
CA PRO E 125 22.64 -7.60 9.74
C PRO E 125 21.56 -6.93 10.59
N LYS E 126 21.88 -6.54 11.82
CA LYS E 126 20.92 -5.93 12.75
C LYS E 126 20.36 -4.64 12.13
N ASP E 127 21.14 -3.93 11.31
CA ASP E 127 20.66 -2.74 10.56
C ASP E 127 19.58 -3.16 9.54
N ILE E 128 19.92 -4.08 8.63
CA ILE E 128 18.93 -4.66 7.67
C ILE E 128 17.65 -5.05 8.41
N GLN E 129 17.78 -5.68 9.59
CA GLN E 129 16.66 -6.29 10.36
C GLN E 129 15.70 -5.22 10.89
N LEU E 130 16.24 -4.06 11.31
CA LEU E 130 15.44 -2.93 11.86
C LEU E 130 14.75 -2.21 10.71
N ALA E 131 15.49 -1.91 9.64
CA ALA E 131 14.95 -1.39 8.37
C ALA E 131 13.72 -2.22 7.97
N ARG E 132 13.88 -3.55 7.88
CA ARG E 132 12.80 -4.43 7.39
C ARG E 132 11.65 -4.41 8.41
N ARG E 133 11.96 -4.35 9.70
CA ARG E 133 10.93 -4.38 10.77
C ARG E 133 10.07 -3.11 10.66
N ILE E 134 10.69 -1.93 10.53
CA ILE E 134 10.01 -0.61 10.50
C ILE E 134 9.25 -0.44 9.17
N ARG E 135 9.76 -1.02 8.09
CA ARG E 135 9.06 -1.12 6.77
C ARG E 135 7.79 -1.96 6.89
N GLY E 136 7.73 -2.90 7.84
CA GLY E 136 6.58 -3.81 8.00
C GLY E 136 6.76 -5.12 7.25
N GLU E 137 7.88 -5.32 6.55
CA GLU E 137 8.25 -6.61 5.94
C GLU E 137 8.47 -7.64 7.06
N ARG E 138 8.50 -7.16 8.32
CA ARG E 138 8.66 -7.94 9.57
C ARG E 138 10.17 -8.12 9.85
N LYS F 20 11.66 -35.79 -23.43
CA LYS F 20 12.53 -37.01 -23.43
C LYS F 20 14.01 -36.60 -23.25
N ARG F 21 14.28 -35.44 -22.64
CA ARG F 21 15.65 -34.88 -22.46
C ARG F 21 15.84 -34.43 -21.00
N HIS F 22 16.96 -34.83 -20.37
CA HIS F 22 17.32 -34.51 -18.96
C HIS F 22 17.56 -33.00 -18.79
N ARG F 23 16.85 -32.39 -17.84
CA ARG F 23 17.04 -30.98 -17.41
C ARG F 23 17.99 -30.98 -16.21
N LYS F 24 19.08 -30.21 -16.28
CA LYS F 24 20.11 -30.13 -15.20
C LYS F 24 19.42 -29.71 -13.90
N VAL F 25 19.46 -30.55 -12.86
CA VAL F 25 18.80 -30.28 -11.55
C VAL F 25 19.49 -29.06 -10.92
N LEU F 26 18.71 -28.04 -10.58
CA LEU F 26 19.19 -26.71 -10.12
C LEU F 26 19.40 -26.73 -8.60
N ARG F 27 20.57 -26.27 -8.14
CA ARG F 27 21.00 -26.47 -6.73
C ARG F 27 21.89 -25.29 -6.29
N ASP F 28 21.56 -24.68 -5.15
CA ASP F 28 22.42 -23.66 -4.47
C ASP F 28 22.76 -22.51 -5.42
N ASN F 29 21.77 -21.94 -6.11
CA ASN F 29 21.97 -20.87 -7.12
C ASN F 29 21.92 -19.48 -6.47
N ILE F 30 21.35 -19.39 -5.26
CA ILE F 30 21.41 -18.16 -4.41
C ILE F 30 22.86 -17.72 -4.23
N GLN F 31 23.84 -18.61 -4.38
CA GLN F 31 25.28 -18.25 -4.22
C GLN F 31 25.81 -17.59 -5.49
N GLY F 32 24.99 -17.50 -6.53
CA GLY F 32 25.31 -16.74 -7.76
C GLY F 32 25.10 -15.25 -7.54
N ILE F 33 24.39 -14.90 -6.47
CA ILE F 33 24.30 -13.52 -5.90
C ILE F 33 25.56 -13.35 -5.04
N THR F 34 26.68 -13.12 -5.72
CA THR F 34 28.06 -13.07 -5.18
C THR F 34 28.24 -11.86 -4.27
N LYS F 35 29.32 -11.88 -3.48
CA LYS F 35 29.77 -10.79 -2.59
C LYS F 35 29.95 -9.52 -3.41
N PRO F 36 30.76 -9.52 -4.48
CA PRO F 36 30.91 -8.35 -5.35
C PRO F 36 29.58 -7.69 -5.74
N ALA F 37 28.65 -8.47 -6.29
CA ALA F 37 27.32 -7.99 -6.77
C ALA F 37 26.55 -7.35 -5.61
N ILE F 38 26.56 -7.97 -4.44
CA ILE F 38 25.83 -7.44 -3.25
C ILE F 38 26.46 -6.11 -2.86
N ARG F 39 27.78 -6.01 -2.96
CA ARG F 39 28.59 -4.81 -2.59
C ARG F 39 28.21 -3.68 -3.55
N ARG F 40 28.24 -3.94 -4.86
CA ARG F 40 27.77 -3.02 -5.93
C ARG F 40 26.38 -2.50 -5.60
N LEU F 41 25.47 -3.38 -5.21
CA LEU F 41 24.08 -2.98 -4.86
C LEU F 41 24.13 -1.99 -3.68
N ALA F 42 24.89 -2.31 -2.64
CA ALA F 42 25.08 -1.43 -1.46
C ALA F 42 25.67 -0.09 -1.89
N ARG F 43 26.56 -0.09 -2.89
CA ARG F 43 27.21 1.15 -3.38
C ARG F 43 26.14 2.08 -3.97
N ARG F 44 25.36 1.62 -4.93
CA ARG F 44 24.24 2.43 -5.46
C ARG F 44 23.41 2.98 -4.28
N GLY F 45 23.33 2.24 -3.17
CA GLY F 45 22.58 2.64 -1.95
C GLY F 45 23.39 3.57 -1.06
N GLY F 46 24.57 3.97 -1.54
CA GLY F 46 25.46 4.90 -0.83
C GLY F 46 26.04 4.33 0.43
N VAL F 47 26.20 3.00 0.49
CA VAL F 47 26.88 2.27 1.61
C VAL F 47 28.38 2.23 1.30
N LYS F 48 29.18 2.64 2.27
CA LYS F 48 30.65 2.78 2.16
C LYS F 48 31.32 1.54 2.77
N ARG F 49 30.90 1.16 3.97
CA ARG F 49 31.48 0.02 4.72
C ARG F 49 30.41 -1.05 5.00
N ILE F 50 30.81 -2.31 4.87
CA ILE F 50 29.93 -3.52 4.86
C ILE F 50 30.55 -4.60 5.76
N SER F 51 29.83 -5.00 6.82
CA SER F 51 30.11 -6.20 7.66
C SER F 51 30.19 -7.45 6.78
N GLY F 52 30.96 -8.46 7.20
CA GLY F 52 31.09 -9.74 6.46
C GLY F 52 29.81 -10.56 6.52
N LEU F 53 28.99 -10.32 7.54
CA LEU F 53 27.72 -11.03 7.80
C LEU F 53 26.58 -10.50 6.91
N ILE F 54 26.83 -9.46 6.11
CA ILE F 54 25.77 -8.77 5.31
C ILE F 54 25.39 -9.62 4.09
N TYR F 55 26.33 -10.36 3.50
CA TYR F 55 26.13 -11.01 2.17
C TYR F 55 25.20 -12.22 2.33
N GLU F 56 25.31 -12.99 3.42
CA GLU F 56 24.35 -14.09 3.69
C GLU F 56 23.02 -13.47 4.10
N GLU F 57 23.04 -12.47 5.00
CA GLU F 57 21.81 -11.74 5.42
C GLU F 57 21.04 -11.28 4.19
N THR F 58 21.75 -10.74 3.20
CA THR F 58 21.19 -10.13 1.95
C THR F 58 20.57 -11.25 1.12
N ARG F 59 21.34 -12.29 0.83
CA ARG F 59 20.85 -13.47 0.07
C ARG F 59 19.53 -13.94 0.69
N GLY F 60 19.50 -14.02 2.01
CA GLY F 60 18.29 -14.41 2.76
C GLY F 60 17.12 -13.58 2.34
N VAL F 61 17.28 -12.25 2.38
CA VAL F 61 16.23 -11.23 2.07
C VAL F 61 15.86 -11.31 0.59
N LEU F 62 16.84 -11.37 -0.31
CA LEU F 62 16.58 -11.46 -1.77
C LEU F 62 15.65 -12.64 -2.01
N LYS F 63 16.00 -13.79 -1.42
CA LYS F 63 15.34 -15.09 -1.67
C LYS F 63 13.88 -14.99 -1.24
N VAL F 64 13.63 -14.41 -0.06
CA VAL F 64 12.26 -14.18 0.49
C VAL F 64 11.50 -13.28 -0.48
N PHE F 65 12.14 -12.22 -1.00
CA PHE F 65 11.54 -11.25 -1.95
C PHE F 65 11.13 -11.98 -3.23
N LEU F 66 12.08 -12.65 -3.87
CA LEU F 66 11.88 -13.35 -5.16
C LEU F 66 10.78 -14.43 -5.06
N GLU F 67 10.72 -15.16 -3.95
CA GLU F 67 9.72 -16.24 -3.71
C GLU F 67 8.33 -15.63 -3.70
N ASN F 68 8.16 -14.48 -3.04
CA ASN F 68 6.85 -13.80 -2.88
C ASN F 68 6.36 -13.33 -4.25
N VAL F 69 7.22 -12.67 -5.03
CA VAL F 69 6.84 -12.14 -6.37
C VAL F 69 6.52 -13.33 -7.29
N ILE F 70 7.40 -14.34 -7.31
CA ILE F 70 7.28 -15.53 -8.19
C ILE F 70 6.07 -16.39 -7.77
N ARG F 71 5.79 -16.56 -6.47
CA ARG F 71 4.54 -17.22 -6.02
C ARG F 71 3.36 -16.56 -6.73
N ASP F 72 3.20 -15.25 -6.58
CA ASP F 72 2.11 -14.44 -7.18
C ASP F 72 2.16 -14.50 -8.71
N ALA F 73 3.34 -14.29 -9.30
CA ALA F 73 3.55 -14.32 -10.77
C ALA F 73 2.99 -15.63 -11.30
N VAL F 74 3.41 -16.75 -10.70
CA VAL F 74 3.11 -18.13 -11.18
C VAL F 74 1.62 -18.39 -11.00
N THR F 75 1.04 -17.96 -9.87
CA THR F 75 -0.43 -17.97 -9.62
C THR F 75 -1.15 -17.33 -10.82
N TYR F 76 -0.69 -16.18 -11.33
CA TYR F 76 -1.31 -15.48 -12.49
C TYR F 76 -1.21 -16.40 -13.70
N THR F 77 -0.02 -16.94 -13.96
CA THR F 77 0.24 -17.90 -15.07
C THR F 77 -0.72 -19.09 -14.98
N GLU F 78 -0.76 -19.78 -13.82
CA GLU F 78 -1.60 -21.00 -13.60
C GLU F 78 -3.07 -20.69 -13.91
N HIS F 79 -3.53 -19.50 -13.49
CA HIS F 79 -4.90 -19.01 -13.74
C HIS F 79 -5.15 -18.84 -15.24
N ALA F 80 -4.17 -18.31 -15.97
CA ALA F 80 -4.23 -18.09 -17.44
C ALA F 80 -4.07 -19.41 -18.19
N LYS F 81 -3.82 -20.51 -17.47
CA LYS F 81 -3.67 -21.86 -18.05
C LYS F 81 -2.48 -21.85 -19.01
N ARG F 82 -1.47 -21.03 -18.72
CA ARG F 82 -0.21 -20.96 -19.52
C ARG F 82 0.84 -21.77 -18.78
N LYS F 83 1.89 -22.18 -19.49
CA LYS F 83 3.07 -22.88 -18.90
C LYS F 83 4.25 -21.90 -18.89
N THR F 84 4.18 -20.84 -19.69
CA THR F 84 5.20 -19.77 -19.78
C THR F 84 4.81 -18.61 -18.87
N VAL F 85 5.71 -18.17 -17.98
CA VAL F 85 5.52 -16.93 -17.16
C VAL F 85 5.83 -15.72 -18.05
N THR F 86 4.93 -14.74 -18.07
CA THR F 86 5.02 -13.53 -18.92
C THR F 86 5.53 -12.35 -18.09
N ALA F 87 6.04 -11.31 -18.76
CA ALA F 87 6.45 -10.04 -18.11
C ALA F 87 5.24 -9.42 -17.42
N MET F 88 4.06 -9.54 -18.03
CA MET F 88 2.79 -8.99 -17.45
C MET F 88 2.52 -9.67 -16.11
N ASP F 89 2.77 -10.98 -16.02
CA ASP F 89 2.50 -11.80 -14.80
C ASP F 89 3.35 -11.24 -13.65
N VAL F 90 4.63 -10.98 -13.94
CA VAL F 90 5.60 -10.38 -12.97
C VAL F 90 5.10 -8.99 -12.58
N VAL F 91 4.61 -8.21 -13.54
CA VAL F 91 4.21 -6.78 -13.34
C VAL F 91 2.98 -6.74 -12.43
N TYR F 92 2.00 -7.62 -12.67
CA TYR F 92 0.78 -7.73 -11.83
C TYR F 92 1.17 -8.23 -10.43
N ALA F 93 2.06 -9.22 -10.37
CA ALA F 93 2.57 -9.76 -9.09
C ALA F 93 3.14 -8.59 -8.29
N LEU F 94 4.04 -7.82 -8.92
CA LEU F 94 4.77 -6.70 -8.27
C LEU F 94 3.75 -5.64 -7.84
N LYS F 95 2.78 -5.31 -8.70
CA LYS F 95 1.77 -4.29 -8.35
C LYS F 95 1.05 -4.75 -7.07
N ARG F 96 0.61 -6.01 -7.03
CA ARG F 96 -0.07 -6.64 -5.87
C ARG F 96 0.72 -6.38 -4.59
N GLN F 97 2.05 -6.55 -4.62
CA GLN F 97 2.96 -6.48 -3.44
C GLN F 97 3.31 -5.03 -3.09
N GLY F 98 2.84 -4.06 -3.89
CA GLY F 98 3.01 -2.60 -3.69
C GLY F 98 4.33 -2.09 -4.23
N ARG F 99 4.92 -2.77 -5.22
CA ARG F 99 6.28 -2.48 -5.74
C ARG F 99 6.17 -2.28 -7.26
N THR F 100 5.20 -1.45 -7.67
CA THR F 100 4.82 -1.16 -9.08
C THR F 100 6.06 -0.81 -9.92
N LEU F 101 6.10 -1.29 -11.16
CA LEU F 101 7.29 -1.31 -12.06
C LEU F 101 6.89 -0.80 -13.43
N TYR F 102 7.48 0.31 -13.87
CA TYR F 102 7.27 0.86 -15.23
C TYR F 102 8.32 0.24 -16.17
N GLY F 103 7.94 -0.05 -17.41
CA GLY F 103 8.87 -0.33 -18.51
C GLY F 103 8.81 -1.76 -19.00
N PHE F 104 7.73 -2.49 -18.70
CA PHE F 104 7.54 -3.92 -19.07
C PHE F 104 6.08 -4.20 -19.47
N GLY F 105 5.33 -3.15 -19.86
CA GLY F 105 3.89 -3.23 -20.16
C GLY F 105 3.04 -2.93 -18.94
N GLY F 106 1.71 -3.13 -19.05
CA GLY F 106 0.70 -2.77 -18.04
C GLY F 106 0.56 -1.25 -17.91
N LYS G 17 -42.21 -24.67 -1.80
CA LYS G 17 -41.49 -24.12 -2.98
C LYS G 17 -40.71 -22.86 -2.55
N ALA G 18 -39.44 -22.77 -2.98
CA ALA G 18 -38.48 -21.66 -2.70
C ALA G 18 -37.69 -21.97 -1.42
N LYS G 19 -36.39 -22.24 -1.56
CA LYS G 19 -35.44 -22.44 -0.43
C LYS G 19 -34.10 -21.78 -0.76
N SER G 20 -33.53 -21.06 0.21
CA SER G 20 -32.31 -20.22 0.06
C SER G 20 -31.15 -21.06 -0.46
N ARG G 21 -30.43 -20.52 -1.45
CA ARG G 21 -29.17 -21.09 -1.99
C ARG G 21 -28.12 -21.21 -0.88
N SER G 22 -28.20 -20.37 0.15
CA SER G 22 -27.36 -20.43 1.38
C SER G 22 -27.40 -21.85 1.95
N SER G 23 -28.60 -22.41 2.12
CA SER G 23 -28.85 -23.78 2.64
C SER G 23 -28.32 -24.81 1.62
N ARG G 24 -28.65 -24.66 0.33
CA ARG G 24 -28.19 -25.59 -0.74
C ARG G 24 -26.67 -25.79 -0.62
N ALA G 25 -25.93 -24.72 -0.31
CA ALA G 25 -24.46 -24.66 -0.18
C ALA G 25 -24.02 -24.96 1.26
N GLY G 26 -24.98 -25.00 2.18
CA GLY G 26 -24.73 -25.38 3.59
C GLY G 26 -24.03 -24.25 4.33
N LEU G 27 -24.48 -23.02 4.09
CA LEU G 27 -23.82 -21.78 4.58
C LEU G 27 -24.80 -20.99 5.44
N GLN G 28 -24.27 -20.32 6.47
CA GLN G 28 -24.98 -19.29 7.27
C GLN G 28 -24.92 -17.97 6.49
N PHE G 29 -23.87 -17.76 5.70
CA PHE G 29 -23.58 -16.48 5.00
C PHE G 29 -24.44 -16.39 3.73
N PRO G 30 -25.05 -15.21 3.48
CA PRO G 30 -26.09 -15.07 2.47
C PRO G 30 -25.56 -15.08 1.03
N VAL G 31 -25.52 -16.27 0.41
CA VAL G 31 -25.05 -16.48 -1.00
C VAL G 31 -25.76 -15.49 -1.93
N GLY G 32 -27.06 -15.25 -1.72
CA GLY G 32 -27.89 -14.37 -2.58
C GLY G 32 -27.48 -12.91 -2.48
N ARG G 33 -27.33 -12.39 -1.25
CA ARG G 33 -26.87 -11.02 -0.93
C ARG G 33 -25.53 -10.75 -1.62
N VAL G 34 -24.63 -11.73 -1.55
CA VAL G 34 -23.25 -11.68 -2.09
C VAL G 34 -23.34 -11.60 -3.62
N HIS G 35 -24.19 -12.40 -4.24
CA HIS G 35 -24.39 -12.43 -5.72
C HIS G 35 -24.81 -11.04 -6.18
N ARG G 36 -25.76 -10.42 -5.46
CA ARG G 36 -26.23 -9.02 -5.69
C ARG G 36 -25.01 -8.09 -5.67
N LEU G 37 -24.30 -8.08 -4.53
CA LEU G 37 -23.16 -7.17 -4.25
C LEU G 37 -22.08 -7.33 -5.34
N LEU G 38 -21.87 -8.55 -5.85
CA LEU G 38 -20.88 -8.79 -6.94
C LEU G 38 -21.37 -8.10 -8.22
N ARG G 39 -22.66 -8.21 -8.55
CA ARG G 39 -23.22 -7.62 -9.79
C ARG G 39 -23.31 -6.09 -9.61
N LYS G 40 -23.85 -5.64 -8.48
CA LYS G 40 -24.06 -4.21 -8.14
C LYS G 40 -22.71 -3.48 -8.03
N GLY G 41 -21.62 -4.19 -7.73
CA GLY G 41 -20.29 -3.61 -7.37
C GLY G 41 -19.40 -3.30 -8.58
N HIS G 42 -19.92 -3.44 -9.81
CA HIS G 42 -19.17 -3.14 -11.07
C HIS G 42 -17.81 -3.83 -11.03
N TYR G 43 -17.76 -5.14 -10.79
CA TYR G 43 -16.49 -5.92 -10.73
C TYR G 43 -16.24 -6.58 -12.08
N ALA G 44 -17.31 -7.00 -12.77
CA ALA G 44 -17.27 -7.55 -14.14
C ALA G 44 -18.66 -7.49 -14.77
N GLU G 45 -18.73 -7.62 -16.10
CA GLU G 45 -20.01 -7.59 -16.86
C GLU G 45 -20.97 -8.64 -16.26
N ARG G 46 -20.46 -9.82 -15.94
CA ARG G 46 -21.29 -10.96 -15.47
C ARG G 46 -20.60 -11.69 -14.29
N VAL G 47 -21.42 -12.36 -13.48
CA VAL G 47 -21.01 -13.08 -12.23
C VAL G 47 -21.57 -14.51 -12.28
N GLY G 48 -20.68 -15.51 -12.30
CA GLY G 48 -21.05 -16.94 -12.27
C GLY G 48 -21.86 -17.33 -11.05
N ALA G 49 -22.45 -18.54 -11.07
CA ALA G 49 -23.35 -19.07 -10.01
C ALA G 49 -22.52 -19.54 -8.82
N GLY G 50 -21.31 -20.07 -9.07
CA GLY G 50 -20.37 -20.56 -8.04
C GLY G 50 -19.73 -19.42 -7.28
N ALA G 51 -19.44 -18.32 -7.99
CA ALA G 51 -18.75 -17.12 -7.46
C ALA G 51 -19.35 -16.70 -6.12
N PRO G 52 -20.66 -16.40 -6.01
CA PRO G 52 -21.22 -15.95 -4.74
C PRO G 52 -21.21 -17.05 -3.67
N VAL G 53 -21.38 -18.31 -4.09
CA VAL G 53 -21.33 -19.49 -3.19
C VAL G 53 -19.92 -19.55 -2.62
N TYR G 54 -18.91 -19.70 -3.48
CA TYR G 54 -17.48 -19.80 -3.09
C TYR G 54 -17.11 -18.63 -2.17
N LEU G 55 -17.40 -17.40 -2.60
CA LEU G 55 -17.01 -16.17 -1.88
C LEU G 55 -17.66 -16.20 -0.49
N ALA G 56 -18.97 -16.43 -0.42
CA ALA G 56 -19.73 -16.48 0.85
C ALA G 56 -19.08 -17.52 1.78
N ALA G 57 -18.61 -18.62 1.21
CA ALA G 57 -18.01 -19.75 1.96
C ALA G 57 -16.73 -19.27 2.68
N VAL G 58 -15.84 -18.66 1.90
CA VAL G 58 -14.55 -18.05 2.38
C VAL G 58 -14.86 -17.00 3.45
N LEU G 59 -15.83 -16.14 3.19
CA LEU G 59 -16.20 -15.04 4.13
C LEU G 59 -16.66 -15.65 5.44
N GLU G 60 -17.51 -16.69 5.37
CA GLU G 60 -18.05 -17.37 6.57
C GLU G 60 -16.88 -18.03 7.32
N TYR G 61 -15.99 -18.72 6.60
CA TYR G 61 -14.83 -19.40 7.21
C TYR G 61 -14.07 -18.39 8.09
N LEU G 62 -13.55 -17.33 7.45
CA LEU G 62 -12.72 -16.29 8.10
C LEU G 62 -13.48 -15.70 9.29
N THR G 63 -14.80 -15.52 9.16
CA THR G 63 -15.66 -15.01 10.25
C THR G 63 -15.58 -15.97 11.44
N ALA G 64 -15.70 -17.27 11.14
CA ALA G 64 -15.63 -18.36 12.14
C ALA G 64 -14.25 -18.33 12.82
N GLU G 65 -13.19 -18.38 12.00
CA GLU G 65 -11.77 -18.47 12.42
C GLU G 65 -11.46 -17.33 13.40
N ILE G 66 -11.95 -16.12 13.12
CA ILE G 66 -11.74 -14.93 14.00
C ILE G 66 -12.56 -15.13 15.27
N LEU G 67 -13.85 -15.45 15.12
CA LEU G 67 -14.82 -15.56 16.25
C LEU G 67 -14.41 -16.71 17.19
N GLU G 68 -13.98 -17.84 16.61
CA GLU G 68 -13.37 -18.97 17.34
C GLU G 68 -12.35 -18.42 18.33
N LEU G 69 -11.27 -17.79 17.84
CA LEU G 69 -10.12 -17.29 18.66
C LEU G 69 -10.58 -16.13 19.55
N ALA G 70 -11.53 -15.32 19.10
CA ALA G 70 -12.04 -14.13 19.83
C ALA G 70 -12.88 -14.61 21.02
N GLY G 71 -13.72 -15.62 20.77
CA GLY G 71 -14.48 -16.34 21.81
C GLY G 71 -13.56 -16.85 22.91
N ASN G 72 -12.47 -17.54 22.52
CA ASN G 72 -11.41 -18.02 23.44
C ASN G 72 -10.94 -16.85 24.30
N ALA G 73 -10.46 -15.79 23.66
CA ALA G 73 -9.82 -14.61 24.30
C ALA G 73 -10.75 -14.05 25.38
N ALA G 74 -12.07 -14.23 25.22
CA ALA G 74 -13.13 -13.78 26.16
C ALA G 74 -13.14 -14.68 27.40
N ARG G 75 -13.16 -16.01 27.19
CA ARG G 75 -13.12 -17.02 28.29
C ARG G 75 -11.89 -16.74 29.17
N ASP G 76 -10.71 -16.66 28.55
CA ASP G 76 -9.41 -16.32 29.22
C ASP G 76 -9.56 -15.06 30.07
N ASN G 77 -10.40 -14.11 29.61
CA ASN G 77 -10.67 -12.80 30.27
C ASN G 77 -11.86 -12.93 31.23
N LYS G 78 -12.51 -14.11 31.27
CA LYS G 78 -13.61 -14.47 32.20
C LYS G 78 -14.89 -13.69 31.83
N LYS G 79 -15.13 -13.48 30.53
CA LYS G 79 -16.27 -12.70 29.97
C LYS G 79 -17.03 -13.55 28.95
N THR G 80 -18.36 -13.47 28.94
CA THR G 80 -19.24 -14.25 28.02
C THR G 80 -19.45 -13.49 26.71
N ARG G 81 -19.24 -12.16 26.69
CA ARG G 81 -19.47 -11.29 25.51
C ARG G 81 -18.15 -10.79 24.93
N ILE G 82 -17.89 -11.12 23.65
CA ILE G 82 -16.74 -10.63 22.83
C ILE G 82 -16.80 -9.10 22.75
N ILE G 83 -15.74 -8.42 23.19
CA ILE G 83 -15.56 -6.96 22.97
C ILE G 83 -14.43 -6.78 21.96
N PRO G 84 -14.23 -5.56 21.40
CA PRO G 84 -13.15 -5.33 20.43
C PRO G 84 -11.76 -5.88 20.83
N ARG G 85 -11.38 -5.71 22.10
CA ARG G 85 -10.07 -6.21 22.61
C ARG G 85 -9.91 -7.68 22.23
N HIS G 86 -10.92 -8.50 22.52
CA HIS G 86 -10.88 -9.97 22.28
C HIS G 86 -10.57 -10.22 20.80
N LEU G 87 -11.10 -9.38 19.90
CA LEU G 87 -10.87 -9.50 18.44
C LEU G 87 -9.41 -9.12 18.12
N GLN G 88 -8.93 -8.02 18.71
CA GLN G 88 -7.52 -7.57 18.59
C GLN G 88 -6.63 -8.71 19.07
N LEU G 89 -6.63 -9.00 20.38
CA LEU G 89 -5.86 -10.11 21.01
C LEU G 89 -5.88 -11.33 20.08
N ALA G 90 -7.04 -11.67 19.54
CA ALA G 90 -7.23 -12.88 18.70
C ALA G 90 -6.37 -12.73 17.45
N ILE G 91 -6.44 -11.57 16.82
CA ILE G 91 -5.87 -11.29 15.47
C ILE G 91 -4.34 -11.10 15.59
N ARG G 92 -3.87 -10.43 16.65
CA ARG G 92 -2.44 -10.05 16.79
C ARG G 92 -1.61 -11.22 17.34
N ASN G 93 -2.24 -12.21 17.96
CA ASN G 93 -1.56 -13.42 18.51
C ASN G 93 -1.63 -14.56 17.49
N ASP G 94 -2.44 -14.48 16.42
CA ASP G 94 -2.45 -15.48 15.32
C ASP G 94 -1.57 -14.94 14.18
N GLU G 95 -0.58 -15.70 13.73
CA GLU G 95 0.46 -15.22 12.80
C GLU G 95 -0.22 -14.78 11.51
N GLU G 96 -1.14 -15.60 11.02
CA GLU G 96 -1.67 -15.52 9.63
C GLU G 96 -2.82 -14.50 9.52
N LEU G 97 -3.65 -14.34 10.55
CA LEU G 97 -4.68 -13.27 10.59
C LEU G 97 -3.99 -11.91 10.71
N ASN G 98 -2.93 -11.83 11.51
CA ASN G 98 -2.14 -10.59 11.74
C ASN G 98 -1.51 -10.10 10.42
N LYS G 99 -1.07 -11.00 9.55
CA LYS G 99 -0.55 -10.63 8.22
C LYS G 99 -1.70 -10.11 7.35
N LEU G 100 -2.85 -10.79 7.37
CA LEU G 100 -4.05 -10.45 6.58
C LEU G 100 -4.58 -9.08 6.99
N LEU G 101 -4.51 -8.76 8.29
CA LEU G 101 -5.01 -7.49 8.87
C LEU G 101 -3.81 -6.69 9.38
N GLY G 102 -2.68 -6.80 8.67
CA GLY G 102 -1.46 -6.01 8.96
C GLY G 102 -1.73 -4.52 8.87
N GLY G 103 -2.48 -4.10 7.84
CA GLY G 103 -2.72 -2.68 7.53
C GLY G 103 -4.03 -2.19 8.14
N VAL G 104 -4.60 -2.92 9.09
CA VAL G 104 -5.95 -2.61 9.67
C VAL G 104 -5.80 -2.18 11.13
N THR G 105 -6.64 -1.21 11.53
CA THR G 105 -6.75 -0.66 12.90
C THR G 105 -8.11 -1.09 13.47
N ILE G 106 -8.11 -1.79 14.60
CA ILE G 106 -9.34 -2.25 15.29
C ILE G 106 -9.67 -1.26 16.41
N ALA G 107 -10.70 -0.44 16.20
CA ALA G 107 -11.16 0.60 17.14
C ALA G 107 -11.38 -0.04 18.53
N GLN G 108 -10.85 0.59 19.57
CA GLN G 108 -10.99 0.17 21.00
C GLN G 108 -10.31 -1.18 21.21
N GLY G 109 -9.29 -1.49 20.40
CA GLY G 109 -8.60 -2.79 20.41
C GLY G 109 -7.42 -2.80 21.38
N GLY G 110 -6.71 -1.68 21.50
CA GLY G 110 -5.43 -1.60 22.23
C GLY G 110 -4.33 -2.33 21.49
N VAL G 111 -3.28 -2.74 22.22
CA VAL G 111 -2.08 -3.45 21.67
C VAL G 111 -1.76 -4.64 22.56
N LEU G 112 -1.03 -5.63 22.04
CA LEU G 112 -0.52 -6.79 22.83
C LEU G 112 0.49 -6.29 23.86
N PRO G 113 0.41 -6.71 25.15
CA PRO G 113 1.42 -6.34 26.13
C PRO G 113 2.78 -6.85 25.64
N ASN G 114 3.81 -6.00 25.68
CA ASN G 114 5.13 -6.29 25.07
C ASN G 114 6.14 -5.19 25.40
N ILE G 115 6.76 -5.27 26.58
CA ILE G 115 7.96 -4.47 27.00
C ILE G 115 9.21 -5.09 26.36
N GLN G 116 10.11 -4.26 25.84
CA GLN G 116 11.41 -4.69 25.27
C GLN G 116 12.36 -5.05 26.42
N ALA G 117 13.04 -6.20 26.31
CA ALA G 117 13.81 -6.83 27.42
C ALA G 117 14.82 -5.83 28.01
N VAL G 118 15.49 -5.04 27.17
CA VAL G 118 16.54 -4.06 27.60
C VAL G 118 15.93 -3.04 28.57
N LEU G 119 14.61 -2.86 28.56
CA LEU G 119 13.92 -1.84 29.39
C LEU G 119 13.60 -2.38 30.79
N LEU G 120 13.65 -3.71 30.99
CA LEU G 120 13.37 -4.38 32.29
C LEU G 120 14.55 -4.16 33.23
N PRO G 121 14.29 -4.05 34.54
CA PRO G 121 15.35 -3.77 35.52
C PRO G 121 16.43 -4.86 35.57
N LYS G 122 17.50 -4.59 36.33
CA LYS G 122 18.77 -5.38 36.35
C LYS G 122 18.46 -6.88 36.50
N LYS G 123 18.07 -7.34 37.70
CA LYS G 123 17.68 -8.75 38.02
C LYS G 123 18.64 -9.73 37.32
N THR G 124 19.77 -10.05 37.98
CA THR G 124 20.82 -11.01 37.52
C THR G 124 21.05 -12.08 38.60
N SER G 125 19.97 -12.76 39.03
CA SER G 125 19.98 -13.85 40.04
C SER G 125 19.47 -15.16 39.41
N ALA G 126 19.99 -15.50 38.22
CA ALA G 126 19.64 -16.72 37.44
C ALA G 126 20.60 -16.85 36.25
N ARG H 33 -43.50 8.04 10.60
CA ARG H 33 -42.25 8.82 10.33
C ARG H 33 -41.72 8.45 8.94
N LYS H 34 -40.47 7.95 8.84
CA LYS H 34 -39.74 7.75 7.56
C LYS H 34 -39.00 6.39 7.56
N ARG H 35 -38.60 5.89 8.74
CA ARG H 35 -38.10 4.51 8.99
C ARG H 35 -36.62 4.40 8.57
N SER H 36 -36.33 4.42 7.26
CA SER H 36 -34.98 4.27 6.65
C SER H 36 -34.41 2.88 6.97
N ARG H 37 -33.65 2.28 6.04
CA ARG H 37 -33.18 0.86 6.11
C ARG H 37 -31.69 0.79 5.77
N LYS H 38 -30.89 0.17 6.65
CA LYS H 38 -29.42 -0.01 6.46
C LYS H 38 -29.00 -1.43 6.86
N GLU H 39 -28.60 -2.24 5.87
CA GLU H 39 -28.22 -3.68 6.01
C GLU H 39 -26.94 -3.85 6.84
N SER H 40 -26.56 -5.11 7.10
CA SER H 40 -25.28 -5.53 7.72
C SER H 40 -25.17 -7.06 7.67
N TYR H 41 -24.03 -7.61 8.08
CA TYR H 41 -23.79 -9.07 8.20
C TYR H 41 -24.11 -9.56 9.62
N SER H 42 -24.66 -8.67 10.47
CA SER H 42 -24.87 -8.87 11.93
C SER H 42 -25.48 -10.24 12.24
N ILE H 43 -26.54 -10.65 11.54
CA ILE H 43 -27.24 -11.95 11.75
C ILE H 43 -26.24 -13.10 11.58
N TYR H 44 -25.43 -13.04 10.52
CA TYR H 44 -24.60 -14.16 9.99
C TYR H 44 -23.36 -14.35 10.87
N VAL H 45 -22.87 -13.26 11.44
CA VAL H 45 -21.81 -13.26 12.49
C VAL H 45 -22.34 -14.03 13.70
N TYR H 46 -23.58 -13.75 14.14
CA TYR H 46 -24.25 -14.41 15.30
C TYR H 46 -24.46 -15.89 15.02
N LYS H 47 -24.96 -16.25 13.83
CA LYS H 47 -25.21 -17.66 13.43
C LYS H 47 -23.89 -18.43 13.48
N VAL H 48 -22.80 -17.80 13.05
CA VAL H 48 -21.43 -18.41 13.08
C VAL H 48 -20.92 -18.41 14.52
N LEU H 49 -21.20 -17.37 15.31
CA LEU H 49 -20.76 -17.27 16.72
C LEU H 49 -21.38 -18.43 17.53
N LYS H 50 -22.63 -18.82 17.22
CA LYS H 50 -23.36 -19.88 17.97
C LYS H 50 -22.84 -21.26 17.57
N GLN H 51 -22.42 -21.45 16.31
CA GLN H 51 -21.76 -22.71 15.86
C GLN H 51 -20.49 -22.95 16.68
N VAL H 52 -19.63 -21.94 16.80
CA VAL H 52 -18.21 -22.08 17.29
C VAL H 52 -18.14 -21.82 18.80
N HIS H 53 -19.06 -21.02 19.36
CA HIS H 53 -19.09 -20.64 20.79
C HIS H 53 -20.53 -20.46 21.23
N PRO H 54 -21.30 -21.57 21.40
CA PRO H 54 -22.75 -21.48 21.55
C PRO H 54 -23.25 -20.61 22.71
N ASP H 55 -22.46 -20.45 23.77
CA ASP H 55 -22.90 -19.73 25.00
C ASP H 55 -22.15 -18.40 25.13
N THR H 56 -21.59 -17.86 24.04
CA THR H 56 -20.83 -16.58 24.01
C THR H 56 -21.58 -15.54 23.18
N GLY H 57 -21.54 -14.28 23.62
CA GLY H 57 -22.16 -13.10 22.96
C GLY H 57 -21.11 -12.11 22.47
N ILE H 58 -21.53 -10.89 22.11
CA ILE H 58 -20.71 -9.92 21.32
C ILE H 58 -21.31 -8.51 21.43
N SER H 59 -20.52 -7.52 21.87
CA SER H 59 -20.91 -6.08 21.94
C SER H 59 -21.23 -5.55 20.53
N SER H 60 -21.99 -4.46 20.43
CA SER H 60 -22.39 -3.85 19.13
C SER H 60 -21.13 -3.35 18.43
N LYS H 61 -20.23 -2.70 19.19
CA LYS H 61 -18.91 -2.22 18.71
C LYS H 61 -18.17 -3.37 18.02
N ALA H 62 -17.98 -4.49 18.74
CA ALA H 62 -17.33 -5.73 18.27
C ALA H 62 -18.04 -6.27 17.02
N MET H 63 -19.37 -6.13 16.96
CA MET H 63 -20.18 -6.53 15.77
C MET H 63 -19.78 -5.65 14.58
N GLY H 64 -19.50 -4.36 14.85
CA GLY H 64 -19.06 -3.39 13.84
C GLY H 64 -17.70 -3.75 13.26
N ILE H 65 -16.79 -4.21 14.11
CA ILE H 65 -15.43 -4.64 13.70
C ILE H 65 -15.54 -5.90 12.83
N MET H 66 -16.47 -6.80 13.17
CA MET H 66 -16.75 -8.03 12.37
C MET H 66 -17.36 -7.63 11.03
N ASN H 67 -18.17 -6.56 11.05
CA ASN H 67 -18.93 -6.07 9.87
C ASN H 67 -17.97 -5.36 8.92
N SER H 68 -17.12 -4.48 9.46
CA SER H 68 -15.99 -3.83 8.76
C SER H 68 -15.13 -4.91 8.10
N PHE H 69 -14.79 -5.94 8.90
CA PHE H 69 -13.89 -7.05 8.50
C PHE H 69 -14.46 -7.77 7.28
N VAL H 70 -15.74 -8.12 7.32
CA VAL H 70 -16.39 -8.91 6.23
C VAL H 70 -16.36 -8.07 4.94
N ASN H 71 -16.83 -6.82 5.01
CA ASN H 71 -16.95 -5.91 3.84
C ASN H 71 -15.57 -5.70 3.22
N ASP H 72 -14.55 -5.49 4.06
CA ASP H 72 -13.13 -5.31 3.66
C ASP H 72 -12.71 -6.49 2.78
N ILE H 73 -12.71 -7.69 3.35
CA ILE H 73 -12.25 -8.95 2.69
C ILE H 73 -13.08 -9.18 1.41
N PHE H 74 -14.40 -8.95 1.47
CA PHE H 74 -15.29 -8.97 0.28
C PHE H 74 -14.69 -8.09 -0.81
N GLU H 75 -14.48 -6.80 -0.49
CA GLU H 75 -13.90 -5.79 -1.43
C GLU H 75 -12.59 -6.33 -2.02
N ARG H 76 -11.73 -6.90 -1.17
CA ARG H 76 -10.39 -7.41 -1.58
C ARG H 76 -10.56 -8.54 -2.60
N ILE H 77 -11.33 -9.57 -2.25
CA ILE H 77 -11.47 -10.81 -3.07
C ILE H 77 -12.17 -10.43 -4.38
N ALA H 78 -13.30 -9.74 -4.30
CA ALA H 78 -14.05 -9.20 -5.46
C ALA H 78 -13.09 -8.43 -6.38
N GLY H 79 -12.32 -7.51 -5.80
CA GLY H 79 -11.36 -6.65 -6.53
C GLY H 79 -10.34 -7.48 -7.28
N GLU H 80 -9.60 -8.32 -6.55
CA GLU H 80 -8.55 -9.20 -7.14
C GLU H 80 -9.20 -10.03 -8.24
N ALA H 81 -10.37 -10.59 -7.96
CA ALA H 81 -11.17 -11.39 -8.90
C ALA H 81 -11.46 -10.55 -10.13
N SER H 82 -11.93 -9.32 -9.92
CA SER H 82 -12.26 -8.34 -11.00
C SER H 82 -11.09 -8.22 -11.96
N ARG H 83 -9.88 -8.07 -11.40
CA ARG H 83 -8.64 -7.85 -12.18
C ARG H 83 -8.27 -9.14 -12.92
N LEU H 84 -8.29 -10.29 -12.21
CA LEU H 84 -8.05 -11.64 -12.79
C LEU H 84 -8.83 -11.76 -14.10
N ALA H 85 -10.14 -11.49 -14.04
CA ALA H 85 -11.07 -11.49 -15.19
C ALA H 85 -10.52 -10.57 -16.29
N HIS H 86 -10.26 -9.32 -15.93
CA HIS H 86 -9.81 -8.27 -16.88
C HIS H 86 -8.49 -8.67 -17.55
N TYR H 87 -7.50 -9.10 -16.77
CA TYR H 87 -6.13 -9.47 -17.25
C TYR H 87 -6.22 -10.56 -18.31
N ASN H 88 -7.25 -11.41 -18.27
CA ASN H 88 -7.41 -12.61 -19.13
C ASN H 88 -8.45 -12.35 -20.23
N LYS H 89 -9.00 -11.14 -20.31
CA LYS H 89 -10.00 -10.72 -21.33
C LYS H 89 -11.24 -11.61 -21.20
N ARG H 90 -11.74 -11.77 -19.98
CA ARG H 90 -12.95 -12.56 -19.66
C ARG H 90 -13.95 -11.65 -18.94
N SER H 91 -15.25 -11.77 -19.28
CA SER H 91 -16.33 -10.85 -18.88
C SER H 91 -17.04 -11.37 -17.62
N THR H 92 -16.77 -12.62 -17.21
CA THR H 92 -17.39 -13.29 -16.04
C THR H 92 -16.39 -13.45 -14.88
N ILE H 93 -16.84 -13.20 -13.65
CA ILE H 93 -16.13 -13.60 -12.40
C ILE H 93 -16.73 -14.94 -11.96
N THR H 94 -16.06 -16.05 -12.31
CA THR H 94 -16.46 -17.44 -11.93
C THR H 94 -15.88 -17.76 -10.56
N SER H 95 -16.28 -18.89 -9.96
CA SER H 95 -15.74 -19.39 -8.66
C SER H 95 -14.22 -19.57 -8.78
N ARG H 96 -13.76 -19.92 -9.99
CA ARG H 96 -12.33 -20.02 -10.35
C ARG H 96 -11.63 -18.70 -9.96
N GLU H 97 -12.07 -17.56 -10.50
CA GLU H 97 -11.49 -16.23 -10.18
C GLU H 97 -11.53 -16.00 -8.67
N ILE H 98 -12.67 -16.25 -8.01
CA ILE H 98 -12.81 -16.10 -6.53
C ILE H 98 -11.74 -16.94 -5.82
N GLN H 99 -11.35 -18.08 -6.39
CA GLN H 99 -10.36 -19.01 -5.78
C GLN H 99 -8.96 -18.43 -5.96
N THR H 100 -8.53 -18.22 -7.21
CA THR H 100 -7.23 -17.60 -7.57
C THR H 100 -7.04 -16.31 -6.76
N ALA H 101 -8.10 -15.51 -6.62
CA ALA H 101 -8.12 -14.31 -5.76
C ALA H 101 -7.73 -14.70 -4.35
N VAL H 102 -8.50 -15.59 -3.72
CA VAL H 102 -8.29 -16.04 -2.32
C VAL H 102 -6.85 -16.52 -2.18
N ARG H 103 -6.32 -17.22 -3.20
CA ARG H 103 -4.96 -17.81 -3.12
C ARG H 103 -3.92 -16.69 -3.05
N LEU H 104 -4.09 -15.62 -3.85
CA LEU H 104 -3.21 -14.41 -3.83
C LEU H 104 -3.39 -13.65 -2.51
N LEU H 105 -4.62 -13.55 -1.99
CA LEU H 105 -5.02 -12.61 -0.91
C LEU H 105 -4.68 -13.17 0.48
N LEU H 106 -4.97 -14.45 0.75
CA LEU H 106 -4.88 -15.02 2.11
C LEU H 106 -3.53 -15.69 2.29
N PRO H 107 -2.92 -15.57 3.49
CA PRO H 107 -1.68 -16.28 3.81
C PRO H 107 -1.80 -17.82 3.84
N GLY H 108 -0.65 -18.49 3.71
CA GLY H 108 -0.48 -19.93 3.43
C GLY H 108 -1.63 -20.78 3.92
N GLU H 109 -1.77 -20.92 5.24
CA GLU H 109 -2.71 -21.87 5.90
C GLU H 109 -4.15 -21.39 5.67
N LEU H 110 -4.52 -20.20 6.18
CA LEU H 110 -5.82 -19.52 5.97
C LEU H 110 -6.35 -19.74 4.54
N ALA H 111 -5.47 -19.70 3.54
CA ALA H 111 -5.80 -19.91 2.10
C ALA H 111 -6.19 -21.37 1.86
N LYS H 112 -5.40 -22.32 2.36
CA LYS H 112 -5.66 -23.78 2.19
C LYS H 112 -7.12 -24.03 2.58
N HIS H 113 -7.47 -23.70 3.83
CA HIS H 113 -8.80 -23.92 4.45
C HIS H 113 -9.86 -23.22 3.59
N ALA H 114 -9.72 -21.90 3.42
CA ALA H 114 -10.57 -21.06 2.53
C ALA H 114 -10.92 -21.81 1.24
N VAL H 115 -9.92 -22.36 0.56
CA VAL H 115 -10.10 -23.08 -0.74
C VAL H 115 -10.90 -24.37 -0.50
N SER H 116 -10.72 -25.04 0.65
CA SER H 116 -11.54 -26.20 1.07
C SER H 116 -13.00 -25.79 1.17
N GLU H 117 -13.31 -24.95 2.18
CA GLU H 117 -14.68 -24.53 2.55
C GLU H 117 -15.40 -23.98 1.31
N GLY H 118 -14.65 -23.33 0.42
CA GLY H 118 -15.15 -22.72 -0.83
C GLY H 118 -15.53 -23.78 -1.86
N THR H 119 -14.59 -24.65 -2.22
CA THR H 119 -14.79 -25.78 -3.16
C THR H 119 -15.93 -26.66 -2.63
N LYS H 120 -15.91 -26.95 -1.33
CA LYS H 120 -16.91 -27.80 -0.63
C LYS H 120 -18.30 -27.24 -0.87
N ALA H 121 -18.53 -25.99 -0.47
CA ALA H 121 -19.85 -25.30 -0.56
C ALA H 121 -20.30 -25.23 -2.03
N VAL H 122 -19.37 -25.07 -2.98
CA VAL H 122 -19.70 -25.02 -4.44
C VAL H 122 -20.22 -26.40 -4.84
N THR H 123 -19.48 -27.45 -4.46
CA THR H 123 -19.79 -28.88 -4.75
C THR H 123 -21.15 -29.23 -4.12
N LYS H 124 -21.35 -28.88 -2.84
CA LYS H 124 -22.61 -29.14 -2.08
C LYS H 124 -23.80 -28.46 -2.77
N TYR H 125 -23.61 -27.25 -3.31
CA TYR H 125 -24.66 -26.39 -3.91
C TYR H 125 -25.12 -26.95 -5.26
N THR H 126 -24.20 -27.46 -6.09
CA THR H 126 -24.51 -27.93 -7.46
C THR H 126 -25.27 -29.27 -7.40
N SER H 127 -24.97 -30.11 -6.41
CA SER H 127 -25.58 -31.44 -6.20
C SER H 127 -27.04 -31.31 -5.75
N ALA H 128 -27.32 -30.36 -4.85
CA ALA H 128 -28.68 -30.01 -4.39
C ALA H 128 -29.43 -29.29 -5.53
CL CL K . -20.04 14.41 -16.96
MN MN L . 14.32 -27.68 -6.55
CL CL M . -19.24 -19.59 -10.94
MN MN N . 31.66 13.14 -28.63
MN MN O . -34.27 8.67 -8.64
MN MN P . 17.67 20.05 39.59
MN MN Q . 28.88 15.99 28.46
MN MN R . 1.78 -28.11 -30.03
MN MN S . -11.79 0.06 43.85
MN MN T . 17.33 -2.42 47.64
MN MN U . -32.99 -5.19 14.99
MN MN V . -34.03 -10.97 27.04
K K W . -28.59 16.28 11.40
MN MN X . 38.60 5.58 -22.79
MN MN Y . -3.59 7.84 -42.15
MN MN Z . 37.26 -4.80 22.11
MN MN AA . -15.40 -15.07 -28.38
MN MN BA . 9.80 -12.17 55.38
MN MN CA . 12.66 -17.36 54.78
MN MN DA . 50.03 11.73 3.54
MN MN EA . 57.00 22.87 3.34
MN MN FA . 30.72 -23.52 -23.23
MN MN GA . -17.09 -10.46 40.45
MN MN HA . 46.26 -9.82 8.92
MN MN IA . 26.38 12.84 -33.50
MN MN JA . -12.44 7.15 -36.87
K K KA . 6.69 -19.13 -27.52
#